data_2OYY
#
_entry.id   2OYY
#
_cell.length_a   173.710
_cell.length_b   173.710
_cell.length_c   45.880
_cell.angle_alpha   90.00
_cell.angle_beta   90.00
_cell.angle_gamma   120.00
#
_symmetry.space_group_name_H-M   'H 3'
#
loop_
_entity.id
_entity.type
_entity.pdbx_description
1 polymer 'Hexameric cytochrome'
2 non-polymer 'IODIDE ION'
3 non-polymer 'PROTOPORPHYRIN IX CONTAINING FE'
#
_entity_poly.entity_id   1
_entity_poly.type   'polypeptide(L)'
_entity_poly.pdbx_seq_one_letter_code
;MSETWLPTLVTATPQEGFDLAVKLSRIAVKKTQPDAQVRDTLRAVYEKDANALIAVSAVVATHFQTIAAANDYWKD
;
_entity_poly.pdbx_strand_id   A,B,C,D,E,F,G,H
#
loop_
_chem_comp.id
_chem_comp.type
_chem_comp.name
_chem_comp.formula
HEM non-polymer 'PROTOPORPHYRIN IX CONTAINING FE' 'C34 H32 Fe N4 O4'
IOD non-polymer 'IODIDE ION' 'I -1'
#
# COMPACT_ATOMS: atom_id res chain seq x y z
N THR A 4 10.16 2.93 -11.60
CA THR A 4 9.31 4.03 -12.18
C THR A 4 9.39 5.34 -11.37
N TRP A 5 10.52 6.03 -11.52
CA TRP A 5 10.77 7.35 -10.90
C TRP A 5 10.29 8.54 -11.75
N LEU A 6 10.36 8.43 -13.08
CA LEU A 6 9.86 9.53 -13.92
C LEU A 6 8.65 9.16 -14.79
N PRO A 7 7.45 9.16 -14.18
CA PRO A 7 6.22 8.75 -14.89
C PRO A 7 5.82 9.74 -15.97
N THR A 8 5.82 11.03 -15.62
CA THR A 8 5.43 12.10 -16.53
C THR A 8 6.09 13.42 -16.21
N LEU A 9 5.96 14.34 -17.16
CA LEU A 9 6.45 15.69 -17.04
C LEU A 9 5.27 16.58 -16.78
N VAL A 10 4.07 16.02 -16.91
CA VAL A 10 2.87 16.80 -16.64
C VAL A 10 2.82 17.11 -15.14
N THR A 11 2.64 18.39 -14.83
CA THR A 11 2.69 18.92 -13.48
C THR A 11 1.46 19.81 -13.25
N ALA A 12 0.78 19.64 -12.12
CA ALA A 12 -0.48 20.36 -11.82
C ALA A 12 -0.31 21.89 -11.77
N THR A 13 0.75 22.34 -11.09
CA THR A 13 1.03 23.77 -11.01
C THR A 13 2.43 24.11 -11.50
N PRO A 14 2.63 25.33 -12.05
CA PRO A 14 4.00 25.74 -12.38
C PRO A 14 4.99 25.47 -11.26
N GLN A 15 4.57 25.69 -10.02
CA GLN A 15 5.38 25.40 -8.85
C GLN A 15 5.87 23.96 -8.82
N GLU A 16 4.94 23.03 -9.04
CA GLU A 16 5.28 21.62 -9.05
C GLU A 16 6.26 21.29 -10.19
N GLY A 17 6.26 22.12 -11.22
CA GLY A 17 7.17 21.95 -12.35
C GLY A 17 8.60 22.29 -11.99
N PHE A 18 8.77 23.37 -11.25
CA PHE A 18 10.09 23.78 -10.75
C PHE A 18 10.70 22.74 -9.81
N ASP A 19 9.88 22.15 -8.94
CA ASP A 19 10.35 21.06 -8.08
C ASP A 19 10.65 19.82 -8.89
N LEU A 20 9.89 19.61 -9.97
CA LEU A 20 10.19 18.49 -10.85
C LEU A 20 11.50 18.79 -11.56
N ALA A 21 11.74 20.07 -11.86
CA ALA A 21 12.96 20.52 -12.54
C ALA A 21 14.20 20.34 -11.67
N VAL A 22 14.06 20.67 -10.37
CA VAL A 22 15.13 20.46 -9.40
C VAL A 22 15.37 18.95 -9.30
N LYS A 23 14.29 18.20 -9.37
CA LYS A 23 14.39 16.75 -9.26
C LYS A 23 15.17 16.20 -10.44
N LEU A 24 14.76 16.57 -11.65
CA LEU A 24 15.43 16.10 -12.85
C LEU A 24 16.93 16.40 -12.88
N SER A 25 17.31 17.49 -12.22
CA SER A 25 18.69 17.91 -12.17
C SER A 25 19.49 16.97 -11.29
N ARG A 26 18.91 16.58 -10.16
CA ARG A 26 19.61 15.75 -9.19
C ARG A 26 19.68 14.30 -9.60
N ILE A 27 18.71 13.85 -10.38
CA ILE A 27 18.69 12.45 -10.78
C ILE A 27 19.83 12.19 -11.76
N ALA A 28 20.15 13.16 -12.62
CA ALA A 28 21.32 13.01 -13.50
C ALA A 28 22.56 12.76 -12.66
N VAL A 29 22.64 13.46 -11.53
CA VAL A 29 23.75 13.35 -10.62
C VAL A 29 23.77 11.99 -9.94
N LYS A 30 22.64 11.60 -9.36
CA LYS A 30 22.52 10.32 -8.68
C LYS A 30 22.85 9.13 -9.60
N LYS A 31 22.59 9.28 -10.91
CA LYS A 31 22.88 8.20 -11.86
C LYS A 31 24.37 8.09 -12.16
N THR A 32 25.03 9.23 -12.25
CA THR A 32 26.40 9.25 -12.66
C THR A 32 27.31 9.04 -11.45
N GLN A 33 26.73 9.19 -10.26
CA GLN A 33 27.46 8.95 -9.02
C GLN A 33 26.54 8.33 -7.96
N PRO A 34 26.24 7.03 -8.10
CA PRO A 34 25.28 6.40 -7.20
C PRO A 34 25.80 6.20 -5.78
N ASP A 35 27.12 6.26 -5.59
CA ASP A 35 27.70 6.14 -4.26
C ASP A 35 27.24 7.32 -3.41
N ALA A 36 26.23 7.10 -2.57
CA ALA A 36 25.66 8.14 -1.72
C ALA A 36 26.65 8.69 -0.70
N GLN A 37 27.70 7.93 -0.45
CA GLN A 37 28.70 8.36 0.50
C GLN A 37 29.51 9.51 -0.10
N VAL A 38 29.87 9.40 -1.37
CA VAL A 38 30.62 10.47 -1.99
C VAL A 38 29.72 11.64 -2.35
N ARG A 39 28.43 11.37 -2.57
CA ARG A 39 27.47 12.43 -2.86
C ARG A 39 27.31 13.35 -1.66
N ASP A 40 27.45 12.81 -0.46
CA ASP A 40 27.43 13.60 0.77
C ASP A 40 28.68 14.46 0.94
N THR A 41 29.83 13.86 0.63
CA THR A 41 31.09 14.59 0.77
C THR A 41 31.17 15.77 -0.21
N LEU A 42 30.55 15.64 -1.38
CA LEU A 42 30.62 16.69 -2.38
C LEU A 42 29.62 17.76 -2.06
N ARG A 43 28.53 17.35 -1.40
CA ARG A 43 27.51 18.29 -0.96
C ARG A 43 28.12 19.31 -0.02
N ALA A 44 28.86 18.82 0.96
CA ALA A 44 29.53 19.69 1.93
C ALA A 44 30.38 20.75 1.20
N VAL A 45 30.88 20.38 0.03
CA VAL A 45 31.71 21.26 -0.81
C VAL A 45 30.93 22.31 -1.66
N TYR A 46 29.99 21.87 -2.48
CA TYR A 46 29.27 22.79 -3.39
C TYR A 46 28.15 23.60 -2.72
N GLU A 47 27.65 23.14 -1.56
CA GLU A 47 26.52 23.83 -0.91
C GLU A 47 26.93 25.22 -0.45
N LYS A 48 28.24 25.45 -0.41
CA LYS A 48 28.83 26.69 0.07
C LYS A 48 29.73 27.36 -0.98
N ASP A 49 29.58 26.94 -2.24
CA ASP A 49 30.34 27.46 -3.38
C ASP A 49 29.39 28.28 -4.24
N ALA A 50 29.60 29.58 -4.25
CA ALA A 50 28.81 30.50 -5.07
C ALA A 50 28.64 30.04 -6.53
N ASN A 51 29.76 29.85 -7.24
CA ASN A 51 29.72 29.48 -8.66
C ASN A 51 28.99 28.16 -8.90
N ALA A 52 29.11 27.24 -7.95
CA ALA A 52 28.44 25.95 -8.03
C ALA A 52 26.93 26.14 -7.95
N LEU A 53 26.53 27.04 -7.06
CA LEU A 53 25.15 27.29 -6.74
C LEU A 53 24.50 28.07 -7.87
N ILE A 54 25.26 28.92 -8.53
CA ILE A 54 24.77 29.57 -9.75
C ILE A 54 24.60 28.51 -10.83
N ALA A 55 25.63 27.68 -10.99
CA ALA A 55 25.67 26.61 -11.98
C ALA A 55 24.50 25.63 -11.81
N VAL A 56 24.03 25.51 -10.57
CA VAL A 56 22.96 24.63 -10.25
C VAL A 56 21.66 25.19 -10.81
N SER A 57 21.39 26.45 -10.47
CA SER A 57 20.27 27.21 -11.01
C SER A 57 20.26 27.16 -12.52
N ALA A 58 21.45 27.08 -13.13
CA ALA A 58 21.54 27.01 -14.59
C ALA A 58 20.90 25.72 -15.12
N VAL A 59 21.18 24.62 -14.43
CA VAL A 59 20.73 23.28 -14.81
C VAL A 59 19.23 23.24 -14.68
N VAL A 60 18.75 23.56 -13.48
CA VAL A 60 17.31 23.56 -13.23
C VAL A 60 16.55 24.50 -14.15
N ALA A 61 17.23 25.56 -14.63
CA ALA A 61 16.68 26.49 -15.61
C ALA A 61 16.41 25.79 -16.93
N THR A 62 17.41 25.05 -17.42
CA THR A 62 17.22 24.26 -18.61
C THR A 62 16.04 23.30 -18.45
N HIS A 63 16.02 22.54 -17.37
CA HIS A 63 14.96 21.58 -17.14
C HIS A 63 13.59 22.25 -17.04
N PHE A 64 13.51 23.32 -16.24
CA PHE A 64 12.25 24.03 -16.13
C PHE A 64 11.71 24.50 -17.48
N GLN A 65 12.60 24.71 -18.43
CA GLN A 65 12.20 25.12 -19.76
C GLN A 65 11.51 23.97 -20.46
N THR A 66 12.04 22.76 -20.24
CA THR A 66 11.49 21.54 -20.83
C THR A 66 10.15 21.17 -20.24
N ILE A 67 10.02 21.28 -18.92
CA ILE A 67 8.74 20.93 -18.27
C ILE A 67 7.64 22.01 -18.36
N ALA A 68 8.03 23.26 -18.51
CA ALA A 68 7.06 24.31 -18.73
C ALA A 68 6.38 24.04 -20.06
N ALA A 69 7.20 23.75 -21.07
CA ALA A 69 6.69 23.44 -22.40
C ALA A 69 5.85 22.17 -22.36
N ALA A 70 6.25 21.21 -21.53
CA ALA A 70 5.46 19.98 -21.42
C ALA A 70 4.04 20.29 -20.95
N ASN A 71 3.91 21.29 -20.09
CA ASN A 71 2.61 21.71 -19.55
C ASN A 71 1.95 22.86 -20.30
N ASP A 72 2.44 23.15 -21.51
CA ASP A 72 1.96 24.28 -22.29
C ASP A 72 1.91 25.51 -21.38
N TYR A 73 2.94 25.63 -20.53
CA TYR A 73 3.13 26.78 -19.64
C TYR A 73 1.99 27.01 -18.65
N TRP A 74 1.32 25.92 -18.27
CA TRP A 74 0.24 25.94 -17.25
C TRP A 74 -0.86 26.99 -17.48
N THR B 4 25.19 0.89 -35.74
CA THR B 4 23.88 1.59 -35.53
C THR B 4 23.49 1.67 -34.05
N TRP B 5 23.91 2.75 -33.39
CA TRP B 5 23.71 2.92 -31.95
C TRP B 5 22.55 3.86 -31.64
N LEU B 6 22.33 4.86 -32.49
CA LEU B 6 21.20 5.79 -32.30
C LEU B 6 20.07 5.64 -33.32
N PRO B 7 19.24 4.60 -33.19
CA PRO B 7 18.20 4.34 -34.17
C PRO B 7 17.08 5.38 -34.21
N THR B 8 16.61 5.81 -33.04
CA THR B 8 15.49 6.74 -32.94
C THR B 8 15.56 7.59 -31.69
N LEU B 9 14.84 8.72 -31.73
CA LEU B 9 14.65 9.58 -30.57
C LEU B 9 13.34 9.28 -29.89
N VAL B 10 12.51 8.48 -30.55
CA VAL B 10 11.25 8.10 -29.96
C VAL B 10 11.47 7.17 -28.77
N THR B 11 10.83 7.53 -27.67
CA THR B 11 10.95 6.81 -26.42
C THR B 11 9.57 6.64 -25.79
N ALA B 12 9.30 5.45 -25.26
CA ALA B 12 8.01 5.11 -24.67
C ALA B 12 7.64 6.04 -23.53
N THR B 13 8.47 6.11 -22.49
CA THR B 13 8.18 6.94 -21.32
C THR B 13 9.23 8.03 -21.16
N PRO B 14 8.92 9.10 -20.38
CA PRO B 14 9.89 10.13 -20.01
C PRO B 14 11.12 9.55 -19.32
N GLN B 15 10.93 8.47 -18.57
CA GLN B 15 12.04 7.82 -17.89
C GLN B 15 13.10 7.39 -18.89
N GLU B 16 12.67 6.66 -19.91
CA GLU B 16 13.53 6.22 -21.01
C GLU B 16 13.95 7.39 -21.88
N GLY B 17 13.30 8.52 -21.71
CA GLY B 17 13.72 9.76 -22.37
C GLY B 17 14.97 10.27 -21.69
N PHE B 18 15.01 10.12 -20.36
CA PHE B 18 16.08 10.67 -19.56
C PHE B 18 17.31 9.76 -19.68
N ASP B 19 17.07 8.46 -19.78
CA ASP B 19 18.14 7.48 -19.91
C ASP B 19 18.86 7.68 -21.26
N LEU B 20 18.06 7.84 -22.32
CA LEU B 20 18.59 8.13 -23.65
C LEU B 20 19.35 9.45 -23.62
N ALA B 21 18.78 10.46 -22.96
CA ALA B 21 19.45 11.76 -22.85
C ALA B 21 20.83 11.54 -22.26
N VAL B 22 20.91 10.81 -21.15
CA VAL B 22 22.19 10.47 -20.53
C VAL B 22 23.12 9.76 -21.52
N LYS B 23 22.61 8.75 -22.24
CA LYS B 23 23.45 7.99 -23.18
C LYS B 23 24.02 8.95 -24.21
N LEU B 24 23.13 9.71 -24.85
CA LEU B 24 23.54 10.69 -25.82
C LEU B 24 24.65 11.55 -25.26
N SER B 25 24.54 11.94 -24.00
CA SER B 25 25.58 12.80 -23.43
C SER B 25 26.92 12.09 -23.50
N ARG B 26 26.92 10.81 -23.15
CA ARG B 26 28.10 9.98 -23.09
C ARG B 26 28.71 9.63 -24.41
N ILE B 27 27.87 9.42 -25.43
CA ILE B 27 28.41 8.99 -26.70
C ILE B 27 29.27 10.09 -27.32
N ALA B 28 28.96 11.35 -27.01
CA ALA B 28 29.77 12.47 -27.46
C ALA B 28 31.23 12.41 -26.96
N VAL B 29 31.45 12.02 -25.70
CA VAL B 29 32.80 11.92 -25.17
C VAL B 29 33.50 10.68 -25.65
N LYS B 30 32.70 9.66 -25.93
CA LYS B 30 33.17 8.40 -26.42
C LYS B 30 33.69 8.60 -27.85
N LYS B 31 32.96 9.36 -28.66
CA LYS B 31 33.40 9.64 -30.02
C LYS B 31 34.65 10.50 -30.05
N THR B 32 34.71 11.53 -29.23
CA THR B 32 35.85 12.45 -29.22
C THR B 32 37.10 11.79 -28.62
N GLN B 33 36.91 11.12 -27.48
CA GLN B 33 37.97 10.37 -26.82
C GLN B 33 37.61 8.89 -26.82
N PRO B 34 38.08 8.14 -27.84
CA PRO B 34 37.79 6.70 -27.93
C PRO B 34 38.68 5.76 -27.09
N ASP B 35 39.88 6.19 -26.70
CA ASP B 35 40.78 5.39 -25.87
C ASP B 35 40.17 5.10 -24.49
N ALA B 36 39.39 4.02 -24.42
CA ALA B 36 38.61 3.67 -23.24
C ALA B 36 39.42 3.70 -21.96
N GLN B 37 40.73 3.47 -22.10
CA GLN B 37 41.60 3.45 -20.95
C GLN B 37 41.71 4.83 -20.28
N VAL B 38 41.97 5.88 -21.05
CA VAL B 38 42.10 7.23 -20.50
C VAL B 38 40.74 7.70 -19.98
N ARG B 39 39.68 7.24 -20.66
CA ARG B 39 38.31 7.51 -20.23
C ARG B 39 38.13 7.00 -18.82
N ASP B 40 38.76 5.85 -18.52
CA ASP B 40 38.76 5.30 -17.15
C ASP B 40 39.51 6.23 -16.19
N THR B 41 40.64 6.77 -16.63
CA THR B 41 41.44 7.64 -15.78
C THR B 41 40.64 8.89 -15.34
N LEU B 42 39.91 9.48 -16.28
CA LEU B 42 39.23 10.75 -16.05
C LEU B 42 37.94 10.56 -15.29
N ARG B 43 37.38 9.37 -15.42
CA ARG B 43 36.18 8.98 -14.69
C ARG B 43 36.45 9.18 -13.22
N ALA B 44 37.64 8.70 -12.82
CA ALA B 44 38.14 8.76 -11.45
C ALA B 44 38.32 10.17 -10.91
N VAL B 45 38.39 11.12 -11.83
CA VAL B 45 38.58 12.53 -11.50
C VAL B 45 37.22 13.29 -11.43
N TYR B 46 36.34 13.09 -12.41
CA TYR B 46 35.07 13.83 -12.43
C TYR B 46 33.99 13.26 -11.53
N GLU B 47 34.00 11.95 -11.34
CA GLU B 47 32.97 11.31 -10.53
C GLU B 47 33.04 11.83 -9.10
N LYS B 48 34.16 12.45 -8.74
CA LYS B 48 34.32 13.00 -7.40
C LYS B 48 34.46 14.50 -7.44
N ASP B 49 34.12 15.11 -8.57
CA ASP B 49 34.15 16.55 -8.71
C ASP B 49 32.72 17.07 -8.71
N ALA B 50 32.48 18.12 -7.94
CA ALA B 50 31.13 18.68 -7.80
C ALA B 50 30.75 19.47 -9.03
N ASN B 51 31.60 20.43 -9.37
CA ASN B 51 31.41 21.22 -10.56
C ASN B 51 31.32 20.33 -11.79
N ALA B 52 32.08 19.23 -11.81
CA ALA B 52 32.01 18.29 -12.93
C ALA B 52 30.65 17.58 -13.05
N LEU B 53 30.06 17.23 -11.90
CA LEU B 53 28.81 16.52 -11.87
C LEU B 53 27.62 17.41 -12.28
N ILE B 54 27.67 18.68 -11.87
CA ILE B 54 26.65 19.69 -12.23
C ILE B 54 26.76 20.01 -13.72
N ALA B 55 28.01 20.12 -14.20
CA ALA B 55 28.23 20.32 -15.61
C ALA B 55 27.56 19.15 -16.36
N VAL B 56 27.90 17.93 -15.93
CA VAL B 56 27.34 16.71 -16.49
C VAL B 56 25.80 16.79 -16.57
N SER B 57 25.16 17.11 -15.44
CA SER B 57 23.72 17.26 -15.38
C SER B 57 23.17 18.25 -16.43
N ALA B 58 23.94 19.29 -16.71
CA ALA B 58 23.58 20.29 -17.70
C ALA B 58 23.50 19.75 -19.10
N VAL B 59 24.56 19.05 -19.52
CA VAL B 59 24.57 18.39 -20.84
C VAL B 59 23.32 17.51 -21.06
N VAL B 60 23.01 16.66 -20.08
CA VAL B 60 21.86 15.80 -20.19
C VAL B 60 20.57 16.63 -20.18
N ALA B 61 20.61 17.79 -19.54
CA ALA B 61 19.43 18.66 -19.46
C ALA B 61 19.14 19.26 -20.83
N THR B 62 20.20 19.57 -21.56
CA THR B 62 20.06 20.00 -22.94
C THR B 62 19.55 18.86 -23.81
N HIS B 63 20.07 17.66 -23.60
CA HIS B 63 19.71 16.51 -24.43
C HIS B 63 18.26 16.11 -24.19
N PHE B 64 17.89 16.03 -22.92
CA PHE B 64 16.53 15.68 -22.51
C PHE B 64 15.51 16.62 -23.13
N GLN B 65 15.91 17.88 -23.25
CA GLN B 65 15.13 18.95 -23.88
C GLN B 65 14.79 18.64 -25.35
N THR B 66 15.74 18.02 -26.04
CA THR B 66 15.64 17.63 -27.44
C THR B 66 14.71 16.45 -27.63
N ILE B 67 15.00 15.36 -26.91
CA ILE B 67 14.19 14.15 -27.02
C ILE B 67 12.77 14.37 -26.49
N ALA B 68 12.65 15.06 -25.36
CA ALA B 68 11.33 15.38 -24.81
C ALA B 68 10.46 16.04 -25.86
N ALA B 69 11.06 16.96 -26.61
CA ALA B 69 10.39 17.65 -27.72
C ALA B 69 10.06 16.68 -28.84
N ALA B 70 10.96 15.72 -29.05
CA ALA B 70 10.85 14.69 -30.09
C ALA B 70 9.75 13.69 -29.75
N ASN B 71 9.41 13.58 -28.49
CA ASN B 71 8.36 12.68 -28.06
C ASN B 71 7.04 13.39 -27.85
N ASP B 72 7.01 14.68 -28.19
CA ASP B 72 5.85 15.53 -27.92
C ASP B 72 5.50 15.49 -26.41
N TYR B 73 6.56 15.45 -25.60
CA TYR B 73 6.50 15.61 -24.15
C TYR B 73 5.75 14.51 -23.37
N TRP B 74 5.44 13.39 -24.02
CA TRP B 74 4.68 12.26 -23.41
C TRP B 74 3.35 12.70 -22.78
N THR C 4 -7.16 18.15 -12.00
CA THR C 4 -7.78 16.89 -12.49
C THR C 4 -6.72 15.81 -12.72
N TRP C 5 -6.30 15.15 -11.63
CA TRP C 5 -5.25 14.15 -11.64
C TRP C 5 -5.80 12.73 -11.81
N LEU C 6 -7.09 12.53 -11.50
CA LEU C 6 -7.72 11.22 -11.67
C LEU C 6 -8.87 11.24 -12.70
N PRO C 7 -8.53 11.11 -13.99
CA PRO C 7 -9.58 11.10 -15.00
C PRO C 7 -10.53 9.91 -14.93
N THR C 8 -9.97 8.70 -14.79
CA THR C 8 -10.76 7.47 -14.69
C THR C 8 -10.01 6.39 -13.92
N LEU C 9 -10.70 5.25 -13.76
CA LEU C 9 -10.09 4.06 -13.22
C LEU C 9 -9.90 3.00 -14.32
N VAL C 10 -10.59 3.17 -15.44
CA VAL C 10 -10.43 2.33 -16.61
C VAL C 10 -9.01 2.45 -17.12
N THR C 11 -8.44 1.31 -17.48
CA THR C 11 -7.05 1.18 -17.87
C THR C 11 -6.94 0.24 -19.09
N ALA C 12 -5.95 0.47 -19.93
CA ALA C 12 -5.74 -0.38 -21.10
C ALA C 12 -5.39 -1.84 -20.75
N THR C 13 -4.50 -2.03 -19.78
CA THR C 13 -3.93 -3.35 -19.51
C THR C 13 -3.78 -3.55 -18.02
N PRO C 14 -4.00 -4.78 -17.52
CA PRO C 14 -3.80 -5.00 -16.08
C PRO C 14 -2.55 -4.30 -15.58
N GLN C 15 -1.49 -4.34 -16.37
CA GLN C 15 -0.26 -3.68 -15.99
C GLN C 15 -0.47 -2.20 -15.69
N GLU C 16 -1.09 -1.49 -16.63
CA GLU C 16 -1.45 -0.09 -16.43
C GLU C 16 -2.34 0.08 -15.21
N GLY C 17 -3.05 -1.00 -14.85
CA GLY C 17 -3.91 -1.02 -13.66
C GLY C 17 -3.09 -0.89 -12.39
N PHE C 18 -2.03 -1.69 -12.32
CA PHE C 18 -1.11 -1.70 -11.19
C PHE C 18 -0.50 -0.32 -10.99
N ASP C 19 0.06 0.23 -12.07
CA ASP C 19 0.73 1.53 -12.04
C ASP C 19 -0.17 2.62 -11.51
N LEU C 20 -1.46 2.45 -11.76
CA LEU C 20 -2.47 3.36 -11.24
C LEU C 20 -2.66 3.15 -9.75
N ALA C 21 -2.63 1.89 -9.33
CA ALA C 21 -2.79 1.52 -7.93
C ALA C 21 -1.65 2.11 -7.12
N VAL C 22 -0.45 2.03 -7.66
CA VAL C 22 0.70 2.70 -7.09
C VAL C 22 0.52 4.22 -7.07
N LYS C 23 -0.09 4.77 -8.13
CA LYS C 23 -0.31 6.21 -8.17
C LYS C 23 -1.29 6.64 -7.05
N LEU C 24 -2.40 5.92 -6.96
CA LEU C 24 -3.41 6.16 -5.93
C LEU C 24 -2.85 5.95 -4.54
N SER C 25 -1.96 4.99 -4.38
CA SER C 25 -1.37 4.80 -3.08
C SER C 25 -0.55 6.03 -2.69
N ARG C 26 0.07 6.68 -3.68
CA ARG C 26 0.98 7.76 -3.42
C ARG C 26 0.34 9.11 -3.22
N ILE C 27 -0.77 9.36 -3.92
CA ILE C 27 -1.34 10.71 -3.90
C ILE C 27 -1.97 11.00 -2.56
N ALA C 28 -2.49 9.94 -1.92
CA ALA C 28 -3.01 10.04 -0.56
C ALA C 28 -1.92 10.46 0.41
N VAL C 29 -0.68 10.10 0.11
CA VAL C 29 0.47 10.56 0.88
C VAL C 29 0.62 12.07 0.63
N LYS C 30 0.77 12.43 -0.65
CA LYS C 30 0.95 13.79 -1.10
C LYS C 30 -0.09 14.73 -0.48
N LYS C 31 -1.34 14.30 -0.46
CA LYS C 31 -2.43 15.14 0.06
C LYS C 31 -2.38 15.36 1.55
N THR C 32 -2.02 14.33 2.31
CA THR C 32 -1.97 14.49 3.77
C THR C 32 -0.63 15.11 4.19
N GLN C 33 0.40 14.90 3.37
CA GLN C 33 1.67 15.58 3.59
C GLN C 33 2.16 16.27 2.31
N PRO C 34 1.64 17.50 2.06
CA PRO C 34 1.95 18.37 0.90
C PRO C 34 3.35 18.99 0.83
N ASP C 35 4.02 19.13 1.98
CA ASP C 35 5.36 19.68 2.03
C ASP C 35 6.37 18.71 1.40
N ALA C 36 6.56 18.84 0.09
CA ALA C 36 7.40 17.91 -0.70
C ALA C 36 8.77 17.64 -0.08
N GLN C 37 9.29 18.64 0.63
CA GLN C 37 10.56 18.53 1.30
C GLN C 37 10.54 17.44 2.35
N VAL C 38 9.46 17.36 3.13
CA VAL C 38 9.44 16.35 4.20
C VAL C 38 9.24 14.94 3.62
N ARG C 39 8.48 14.84 2.54
CA ARG C 39 8.28 13.58 1.85
C ARG C 39 9.61 13.02 1.37
N ASP C 40 10.53 13.90 1.02
CA ASP C 40 11.88 13.49 0.65
C ASP C 40 12.65 12.90 1.83
N THR C 41 12.59 13.55 2.99
CA THR C 41 13.22 13.07 4.22
C THR C 41 12.69 11.69 4.61
N LEU C 42 11.36 11.58 4.67
CA LEU C 42 10.72 10.35 5.09
C LEU C 42 11.00 9.20 4.12
N ARG C 43 11.08 9.53 2.83
CA ARG C 43 11.40 8.57 1.79
C ARG C 43 12.71 7.88 2.10
N ALA C 44 13.72 8.66 2.50
CA ALA C 44 15.01 8.10 2.86
C ALA C 44 14.86 6.95 3.87
N VAL C 45 13.86 7.06 4.75
CA VAL C 45 13.71 6.14 5.88
C VAL C 45 12.95 4.89 5.47
N TYR C 46 11.82 5.06 4.79
CA TYR C 46 10.95 3.93 4.51
C TYR C 46 11.50 3.09 3.37
N GLU C 47 12.22 3.73 2.45
CA GLU C 47 12.72 3.06 1.26
C GLU C 47 13.67 1.95 1.65
N LYS C 48 14.16 2.01 2.88
CA LYS C 48 15.15 1.06 3.34
C LYS C 48 14.60 0.31 4.54
N ASP C 49 13.29 0.41 4.75
CA ASP C 49 12.62 -0.27 5.84
C ASP C 49 11.85 -1.46 5.28
N ALA C 50 12.31 -2.67 5.61
CA ALA C 50 11.67 -3.90 5.16
C ALA C 50 10.18 -3.91 5.50
N ASN C 51 9.85 -3.55 6.74
CA ASN C 51 8.46 -3.47 7.20
C ASN C 51 7.60 -2.46 6.45
N ALA C 52 8.13 -1.27 6.24
CA ALA C 52 7.45 -0.22 5.45
C ALA C 52 7.09 -0.71 4.05
N LEU C 53 8.10 -1.19 3.33
CA LEU C 53 7.97 -1.64 1.96
C LEU C 53 6.93 -2.76 1.77
N ILE C 54 6.68 -3.54 2.82
CA ILE C 54 5.65 -4.59 2.81
C ILE C 54 4.29 -3.92 2.97
N ALA C 55 4.25 -2.93 3.87
CA ALA C 55 3.03 -2.17 4.14
C ALA C 55 2.60 -1.40 2.89
N VAL C 56 3.59 -0.95 2.13
CA VAL C 56 3.39 -0.22 0.88
C VAL C 56 2.77 -1.12 -0.18
N SER C 57 3.35 -2.31 -0.34
CA SER C 57 2.80 -3.32 -1.24
C SER C 57 1.35 -3.57 -0.88
N ALA C 58 1.09 -3.63 0.43
CA ALA C 58 -0.23 -3.88 0.97
C ALA C 58 -1.25 -2.83 0.55
N VAL C 59 -0.85 -1.56 0.54
CA VAL C 59 -1.73 -0.50 0.04
C VAL C 59 -2.07 -0.72 -1.44
N VAL C 60 -1.03 -0.76 -2.29
CA VAL C 60 -1.25 -1.02 -3.71
C VAL C 60 -2.05 -2.29 -3.93
N ALA C 61 -1.99 -3.25 -3.01
CA ALA C 61 -2.82 -4.45 -3.18
C ALA C 61 -4.32 -4.12 -3.10
N THR C 62 -4.68 -3.29 -2.13
CA THR C 62 -6.05 -2.86 -1.89
C THR C 62 -6.57 -2.06 -3.09
N HIS C 63 -5.76 -1.10 -3.53
CA HIS C 63 -6.13 -0.23 -4.64
C HIS C 63 -6.24 -1.04 -5.90
N PHE C 64 -5.28 -1.95 -6.12
CA PHE C 64 -5.27 -2.75 -7.34
C PHE C 64 -6.51 -3.59 -7.48
N GLN C 65 -7.11 -3.91 -6.34
CA GLN C 65 -8.35 -4.66 -6.27
C GLN C 65 -9.49 -3.83 -6.77
N THR C 66 -9.50 -2.55 -6.37
CA THR C 66 -10.53 -1.60 -6.75
C THR C 66 -10.49 -1.36 -8.25
N ILE C 67 -9.30 -1.00 -8.75
CA ILE C 67 -9.18 -0.75 -10.18
C ILE C 67 -9.38 -2.01 -11.02
N ALA C 68 -8.96 -3.16 -10.48
CA ALA C 68 -9.14 -4.44 -11.16
C ALA C 68 -10.60 -4.71 -11.45
N ALA C 69 -11.45 -4.40 -10.47
CA ALA C 69 -12.88 -4.58 -10.61
C ALA C 69 -13.43 -3.57 -11.59
N ALA C 70 -12.91 -2.34 -11.54
CA ALA C 70 -13.32 -1.25 -12.46
C ALA C 70 -13.16 -1.63 -13.93
N ASN C 71 -12.14 -2.45 -14.21
CA ASN C 71 -11.78 -2.94 -15.54
C ASN C 71 -12.32 -4.32 -15.82
N ASP C 72 -13.22 -4.79 -14.97
CA ASP C 72 -13.76 -6.14 -15.08
C ASP C 72 -12.62 -7.13 -15.34
N TYR C 73 -11.50 -6.91 -14.63
CA TYR C 73 -10.35 -7.83 -14.61
C TYR C 73 -9.67 -8.05 -15.94
N TRP C 74 -10.07 -7.23 -16.92
CA TRP C 74 -9.46 -7.19 -18.25
C TRP C 74 -9.59 -8.52 -19.01
N THR D 4 -25.63 16.31 9.58
CA THR D 4 -25.66 15.60 8.25
C THR D 4 -24.40 15.86 7.38
N TRP D 5 -23.38 15.03 7.59
CA TRP D 5 -22.06 15.23 6.98
C TRP D 5 -21.77 14.31 5.78
N LEU D 6 -22.54 13.23 5.69
CA LEU D 6 -22.44 12.33 4.56
C LEU D 6 -23.83 12.15 3.97
N PRO D 7 -24.19 13.03 3.00
CA PRO D 7 -25.50 12.98 2.32
C PRO D 7 -25.63 11.87 1.25
N THR D 8 -24.53 11.51 0.61
CA THR D 8 -24.46 10.40 -0.38
C THR D 8 -23.03 9.89 -0.56
N LEU D 9 -22.93 8.67 -1.08
CA LEU D 9 -21.65 8.11 -1.52
C LEU D 9 -21.43 8.29 -3.03
N VAL D 10 -22.47 8.80 -3.72
CA VAL D 10 -22.42 9.02 -5.17
C VAL D 10 -21.70 10.34 -5.48
N THR D 11 -20.55 10.17 -6.13
CA THR D 11 -19.65 11.24 -6.49
C THR D 11 -19.64 11.43 -8.00
N ALA D 12 -19.43 12.66 -8.46
CA ALA D 12 -19.40 12.98 -9.90
C ALA D 12 -18.17 12.39 -10.64
N THR D 13 -16.97 12.64 -10.12
CA THR D 13 -15.73 12.12 -10.71
C THR D 13 -14.93 11.25 -9.73
N PRO D 14 -14.18 10.26 -10.26
CA PRO D 14 -13.24 9.46 -9.47
C PRO D 14 -12.42 10.31 -8.51
N GLN D 15 -12.06 11.51 -8.96
CA GLN D 15 -11.31 12.47 -8.15
C GLN D 15 -12.06 12.99 -6.91
N GLU D 16 -13.37 13.20 -7.04
CA GLU D 16 -14.20 13.58 -5.91
C GLU D 16 -14.40 12.37 -5.00
N GLY D 17 -14.24 11.19 -5.60
CA GLY D 17 -14.36 9.94 -4.90
C GLY D 17 -13.23 9.77 -3.92
N PHE D 18 -12.03 10.06 -4.38
CA PHE D 18 -10.82 9.94 -3.54
C PHE D 18 -10.87 11.00 -2.41
N ASP D 19 -11.45 12.16 -2.72
CA ASP D 19 -11.60 13.21 -1.73
C ASP D 19 -12.62 12.84 -0.68
N LEU D 20 -13.67 12.15 -1.12
CA LEU D 20 -14.67 11.62 -0.22
C LEU D 20 -14.07 10.46 0.56
N ALA D 21 -13.17 9.72 -0.08
CA ALA D 21 -12.41 8.66 0.54
C ALA D 21 -11.47 9.19 1.62
N VAL D 22 -10.86 10.34 1.41
CA VAL D 22 -9.97 10.94 2.43
C VAL D 22 -10.78 11.51 3.58
N LYS D 23 -12.02 11.90 3.29
CA LYS D 23 -12.88 12.53 4.27
C LYS D 23 -13.25 11.51 5.32
N LEU D 24 -13.84 10.41 4.88
CA LEU D 24 -14.29 9.34 5.76
C LEU D 24 -13.16 8.87 6.69
N SER D 25 -11.93 8.90 6.18
CA SER D 25 -10.78 8.51 6.95
C SER D 25 -10.50 9.46 8.12
N ARG D 26 -10.71 10.74 7.89
CA ARG D 26 -10.50 11.74 8.90
C ARG D 26 -11.66 11.85 9.87
N ILE D 27 -12.88 11.79 9.36
CA ILE D 27 -14.03 11.99 10.23
C ILE D 27 -14.02 10.91 11.30
N ALA D 28 -13.68 9.68 10.91
CA ALA D 28 -13.54 8.58 11.86
C ALA D 28 -12.60 8.94 12.99
N VAL D 29 -11.53 9.68 12.69
CA VAL D 29 -10.60 10.16 13.74
C VAL D 29 -11.23 11.30 14.52
N LYS D 30 -11.89 12.19 13.78
CA LYS D 30 -12.56 13.35 14.35
C LYS D 30 -13.56 12.95 15.43
N LYS D 31 -14.27 11.85 15.19
CA LYS D 31 -15.32 11.33 16.08
C LYS D 31 -14.78 10.66 17.32
N THR D 32 -13.74 9.83 17.17
CA THR D 32 -13.18 9.07 18.31
C THR D 32 -12.28 9.98 19.13
N GLN D 33 -11.69 10.97 18.47
CA GLN D 33 -11.02 12.04 19.21
C GLN D 33 -11.63 13.39 18.81
N PRO D 34 -12.60 13.87 19.62
CA PRO D 34 -13.25 15.15 19.38
C PRO D 34 -12.49 16.39 19.89
N ASP D 35 -11.51 16.17 20.77
CA ASP D 35 -10.70 17.28 21.26
C ASP D 35 -9.77 17.70 20.15
N ALA D 36 -10.18 18.75 19.44
CA ALA D 36 -9.39 19.29 18.32
C ALA D 36 -7.95 19.61 18.74
N GLN D 37 -7.78 20.10 19.97
CA GLN D 37 -6.48 20.48 20.49
C GLN D 37 -5.49 19.31 20.48
N VAL D 38 -5.93 18.17 20.99
CA VAL D 38 -5.04 17.00 20.98
C VAL D 38 -4.82 16.49 19.57
N ARG D 39 -5.80 16.66 18.70
CA ARG D 39 -5.69 16.33 17.28
C ARG D 39 -4.53 17.06 16.61
N ASP D 40 -4.33 18.33 16.98
CA ASP D 40 -3.22 19.12 16.49
C ASP D 40 -1.88 18.57 16.99
N THR D 41 -1.81 18.26 18.29
CA THR D 41 -0.62 17.72 18.93
C THR D 41 -0.17 16.46 18.19
N LEU D 42 -1.13 15.57 17.94
CA LEU D 42 -0.87 14.30 17.26
C LEU D 42 -0.55 14.48 15.78
N ARG D 43 -1.15 15.49 15.17
CA ARG D 43 -0.85 15.84 13.77
C ARG D 43 0.66 16.05 13.58
N ALA D 44 1.25 16.89 14.43
CA ALA D 44 2.67 17.20 14.38
C ALA D 44 3.54 15.95 14.56
N VAL D 45 2.94 14.89 15.12
CA VAL D 45 3.65 13.62 15.33
C VAL D 45 3.59 12.70 14.10
N TYR D 46 2.41 12.52 13.51
CA TYR D 46 2.28 11.56 12.44
C TYR D 46 2.74 12.09 11.10
N GLU D 47 2.58 13.39 10.89
CA GLU D 47 2.86 13.98 9.58
C GLU D 47 4.33 13.80 9.17
N LYS D 48 5.19 13.53 10.14
CA LYS D 48 6.59 13.22 9.85
C LYS D 48 6.87 11.73 9.94
N ASP D 49 5.81 10.92 10.08
CA ASP D 49 6.00 9.49 10.28
C ASP D 49 5.80 8.73 8.98
N ALA D 50 6.88 8.07 8.54
CA ALA D 50 6.82 7.37 7.27
C ALA D 50 5.75 6.29 7.35
N ASN D 51 5.83 5.48 8.39
CA ASN D 51 4.94 4.34 8.58
C ASN D 51 3.48 4.73 8.75
N ALA D 52 3.23 5.92 9.29
CA ALA D 52 1.86 6.33 9.60
C ALA D 52 1.15 6.84 8.37
N LEU D 53 1.90 7.58 7.55
CA LEU D 53 1.41 8.09 6.29
C LEU D 53 1.08 6.95 5.34
N ILE D 54 1.87 5.88 5.43
CA ILE D 54 1.63 4.65 4.67
C ILE D 54 0.34 4.04 5.19
N ALA D 55 0.12 4.16 6.49
CA ALA D 55 -1.05 3.59 7.12
C ALA D 55 -2.28 4.43 6.78
N VAL D 56 -2.09 5.74 6.80
CA VAL D 56 -3.13 6.66 6.41
C VAL D 56 -3.62 6.30 5.02
N SER D 57 -2.69 6.23 4.06
CA SER D 57 -2.98 5.84 2.69
C SER D 57 -3.76 4.55 2.66
N ALA D 58 -3.38 3.61 3.53
CA ALA D 58 -4.06 2.31 3.64
C ALA D 58 -5.56 2.44 3.98
N VAL D 59 -5.87 3.48 4.77
CA VAL D 59 -7.23 3.75 5.25
C VAL D 59 -8.11 4.32 4.16
N VAL D 60 -7.53 5.15 3.30
CA VAL D 60 -8.32 5.72 2.20
C VAL D 60 -8.51 4.66 1.13
N ALA D 61 -7.48 3.82 0.98
CA ALA D 61 -7.53 2.70 0.05
C ALA D 61 -8.77 1.82 0.26
N THR D 62 -9.15 1.59 1.52
CA THR D 62 -10.32 0.76 1.81
C THR D 62 -11.57 1.56 1.52
N HIS D 63 -11.62 2.79 2.05
CA HIS D 63 -12.78 3.63 1.86
C HIS D 63 -13.04 3.87 0.38
N PHE D 64 -11.98 4.22 -0.34
CA PHE D 64 -12.10 4.41 -1.77
C PHE D 64 -12.61 3.16 -2.47
N GLN D 65 -12.33 1.99 -1.92
CA GLN D 65 -12.93 0.75 -2.43
C GLN D 65 -14.47 0.82 -2.35
N THR D 66 -14.98 1.25 -1.19
CA THR D 66 -16.41 1.33 -0.95
C THR D 66 -17.07 2.29 -1.92
N ILE D 67 -16.58 3.53 -1.95
CA ILE D 67 -17.20 4.58 -2.77
C ILE D 67 -17.17 4.31 -4.27
N ALA D 68 -16.07 3.74 -4.76
CA ALA D 68 -15.95 3.38 -6.17
C ALA D 68 -17.05 2.39 -6.50
N ALA D 69 -17.13 1.34 -5.70
CA ALA D 69 -18.17 0.33 -5.81
C ALA D 69 -19.55 0.99 -5.84
N ALA D 70 -19.71 2.07 -5.06
CA ALA D 70 -20.98 2.81 -5.02
C ALA D 70 -21.26 3.43 -6.36
N ASN D 71 -20.29 4.21 -6.86
CA ASN D 71 -20.39 4.88 -8.14
C ASN D 71 -20.01 3.99 -9.31
N ASP D 72 -20.17 2.67 -9.14
CA ASP D 72 -19.93 1.72 -10.23
C ASP D 72 -18.66 2.08 -11.00
N TYR D 73 -17.66 2.57 -10.25
CA TYR D 73 -16.31 2.84 -10.77
C TYR D 73 -16.21 3.96 -11.82
N TRP D 74 -17.28 4.74 -11.98
CA TRP D 74 -17.38 5.81 -12.98
C TRP D 74 -16.98 5.38 -14.40
N THR E 4 1.43 -30.07 -7.48
CA THR E 4 0.02 -29.58 -7.42
C THR E 4 -0.56 -29.67 -6.00
N TRP E 5 -0.25 -28.63 -5.21
CA TRP E 5 -0.69 -28.50 -3.81
C TRP E 5 -2.02 -27.77 -3.64
N LEU E 6 -2.45 -27.03 -4.67
CA LEU E 6 -3.76 -26.36 -4.67
C LEU E 6 -4.52 -26.71 -5.94
N PRO E 7 -5.27 -27.83 -5.91
CA PRO E 7 -6.13 -28.22 -7.03
C PRO E 7 -7.31 -27.29 -7.26
N THR E 8 -8.04 -26.95 -6.20
CA THR E 8 -9.22 -26.08 -6.33
C THR E 8 -9.53 -25.28 -5.08
N LEU E 9 -10.49 -24.37 -5.22
CA LEU E 9 -10.96 -23.60 -4.08
C LEU E 9 -12.26 -24.15 -3.54
N VAL E 10 -12.98 -24.92 -4.36
CA VAL E 10 -14.21 -25.55 -3.91
C VAL E 10 -13.96 -26.55 -2.78
N THR E 11 -14.76 -26.43 -1.72
CA THR E 11 -14.64 -27.25 -0.54
C THR E 11 -16.01 -27.72 -0.11
N ALA E 12 -16.07 -28.90 0.49
CA ALA E 12 -17.33 -29.50 0.91
C ALA E 12 -18.09 -28.78 2.03
N THR E 13 -17.36 -28.25 3.01
CA THR E 13 -17.98 -27.56 4.15
C THR E 13 -17.29 -26.24 4.50
N PRO E 14 -18.05 -25.27 5.07
CA PRO E 14 -17.44 -24.04 5.60
C PRO E 14 -16.24 -24.34 6.50
N GLN E 15 -16.27 -25.50 7.15
CA GLN E 15 -15.18 -25.91 8.01
C GLN E 15 -13.93 -26.31 7.23
N GLU E 16 -14.10 -27.06 6.13
CA GLU E 16 -12.97 -27.44 5.27
C GLU E 16 -12.44 -26.20 4.56
N GLY E 17 -13.32 -25.21 4.43
CA GLY E 17 -12.97 -23.96 3.79
C GLY E 17 -12.10 -23.16 4.70
N PHE E 18 -12.38 -23.19 6.00
CA PHE E 18 -11.56 -22.49 6.98
C PHE E 18 -10.16 -23.10 6.99
N ASP E 19 -10.08 -24.42 7.03
CA ASP E 19 -8.82 -25.16 6.92
C ASP E 19 -8.06 -24.76 5.68
N LEU E 20 -8.78 -24.60 4.56
CA LEU E 20 -8.18 -24.09 3.32
C LEU E 20 -7.61 -22.67 3.43
N ALA E 21 -8.29 -21.79 4.15
CA ALA E 21 -7.76 -20.46 4.40
C ALA E 21 -6.44 -20.59 5.15
N VAL E 22 -6.45 -21.44 6.19
CA VAL E 22 -5.30 -21.55 7.07
C VAL E 22 -4.10 -22.00 6.26
N LYS E 23 -4.34 -22.93 5.33
CA LYS E 23 -3.30 -23.49 4.48
C LYS E 23 -2.69 -22.42 3.57
N LEU E 24 -3.52 -21.84 2.70
CA LEU E 24 -3.10 -20.72 1.85
C LEU E 24 -2.25 -19.70 2.59
N SER E 25 -2.65 -19.38 3.82
CA SER E 25 -1.92 -18.41 4.63
C SER E 25 -0.51 -18.90 4.91
N ARG E 26 -0.38 -20.18 5.27
CA ARG E 26 0.95 -20.76 5.56
C ARG E 26 1.85 -20.92 4.35
N ILE E 27 1.30 -21.37 3.20
CA ILE E 27 2.17 -21.72 2.08
C ILE E 27 2.95 -20.47 1.60
N ALA E 28 2.28 -19.33 1.58
CA ALA E 28 2.93 -18.08 1.25
C ALA E 28 4.19 -17.87 2.10
N VAL E 29 4.13 -18.31 3.35
CA VAL E 29 5.30 -18.24 4.25
C VAL E 29 6.32 -19.28 3.84
N LYS E 30 5.82 -20.47 3.52
CA LYS E 30 6.67 -21.54 3.03
C LYS E 30 7.42 -21.06 1.79
N LYS E 31 6.68 -20.54 0.81
CA LYS E 31 7.29 -20.04 -0.45
C LYS E 31 8.35 -18.93 -0.26
N THR E 32 8.03 -17.94 0.56
CA THR E 32 8.96 -16.81 0.80
C THR E 32 10.20 -17.21 1.60
N GLN E 33 10.01 -18.14 2.52
CA GLN E 33 11.06 -18.62 3.41
C GLN E 33 11.06 -20.14 3.36
N PRO E 34 11.75 -20.75 2.37
CA PRO E 34 11.69 -22.21 2.30
C PRO E 34 12.60 -22.93 3.29
N ASP E 35 13.57 -22.24 3.88
CA ASP E 35 14.42 -22.86 4.89
C ASP E 35 13.62 -23.27 6.15
N ALA E 36 13.02 -24.47 6.10
CA ALA E 36 12.20 -25.00 7.19
C ALA E 36 12.83 -24.89 8.57
N GLN E 37 14.15 -24.86 8.63
CA GLN E 37 14.84 -24.75 9.90
C GLN E 37 14.52 -23.44 10.58
N VAL E 38 14.60 -22.32 9.85
CA VAL E 38 14.29 -21.01 10.43
C VAL E 38 12.80 -20.87 10.74
N ARG E 39 11.95 -21.49 9.91
CA ARG E 39 10.51 -21.50 10.19
C ARG E 39 10.28 -22.03 11.59
N ASP E 40 11.04 -23.07 11.97
CA ASP E 40 11.01 -23.57 13.34
C ASP E 40 11.44 -22.49 14.33
N THR E 41 12.56 -21.82 14.05
CA THR E 41 13.05 -20.78 14.94
C THR E 41 11.97 -19.71 15.10
N LEU E 42 11.32 -19.35 14.00
CA LEU E 42 10.31 -18.28 14.00
C LEU E 42 8.98 -18.69 14.65
N ARG E 43 8.60 -19.96 14.48
CA ARG E 43 7.43 -20.53 15.14
C ARG E 43 7.50 -20.43 16.65
N ALA E 44 8.67 -20.68 17.23
CA ALA E 44 8.88 -20.62 18.68
C ALA E 44 8.61 -19.21 19.20
N VAL E 45 8.85 -18.22 18.35
CA VAL E 45 8.70 -16.83 18.72
C VAL E 45 7.22 -16.38 18.69
N TYR E 46 6.57 -16.57 17.54
CA TYR E 46 5.25 -16.00 17.33
C TYR E 46 4.11 -16.77 18.00
N GLU E 47 4.29 -18.08 18.17
CA GLU E 47 3.28 -18.91 18.83
C GLU E 47 3.00 -18.37 20.24
N LYS E 48 4.00 -17.73 20.84
CA LYS E 48 3.82 -17.10 22.15
C LYS E 48 3.67 -15.57 22.06
N ASP E 49 3.40 -15.07 20.86
CA ASP E 49 3.18 -13.64 20.61
C ASP E 49 1.71 -13.30 20.28
N ALA E 50 1.09 -12.50 21.15
CA ALA E 50 -0.33 -12.15 21.10
C ALA E 50 -0.68 -11.34 19.88
N ASN E 51 0.16 -10.33 19.60
CA ASN E 51 -0.01 -9.46 18.44
C ASN E 51 0.10 -10.26 17.12
N ALA E 52 1.02 -11.23 17.12
CA ALA E 52 1.29 -12.11 15.97
C ALA E 52 0.18 -13.09 15.66
N LEU E 53 -0.42 -13.66 16.71
CA LEU E 53 -1.50 -14.61 16.55
C LEU E 53 -2.77 -13.91 16.08
N ILE E 54 -2.90 -12.63 16.46
CA ILE E 54 -3.98 -11.77 16.00
C ILE E 54 -3.73 -11.42 14.53
N ALA E 55 -2.48 -11.11 14.18
CA ALA E 55 -2.14 -10.85 12.79
C ALA E 55 -2.40 -12.10 11.99
N VAL E 56 -1.96 -13.23 12.52
CA VAL E 56 -2.18 -14.52 11.89
C VAL E 56 -3.67 -14.73 11.62
N SER E 57 -4.49 -14.42 12.63
CA SER E 57 -5.91 -14.60 12.50
C SER E 57 -6.43 -13.71 11.39
N ALA E 58 -5.80 -12.57 11.21
CA ALA E 58 -6.21 -11.61 10.20
C ALA E 58 -6.06 -12.20 8.79
N VAL E 59 -4.86 -12.72 8.52
CA VAL E 59 -4.51 -13.30 7.25
C VAL E 59 -5.46 -14.42 6.84
N VAL E 60 -5.82 -15.28 7.79
CA VAL E 60 -6.76 -16.37 7.48
C VAL E 60 -8.19 -15.85 7.27
N ALA E 61 -8.47 -14.66 7.78
CA ALA E 61 -9.79 -14.07 7.66
C ALA E 61 -10.00 -13.56 6.25
N THR E 62 -8.91 -13.03 5.67
CA THR E 62 -8.95 -12.58 4.29
C THR E 62 -9.09 -13.76 3.34
N HIS E 63 -8.29 -14.81 3.58
CA HIS E 63 -8.34 -15.98 2.73
C HIS E 63 -9.66 -16.70 2.88
N PHE E 64 -10.28 -16.62 4.06
CA PHE E 64 -11.54 -17.31 4.25
C PHE E 64 -12.59 -16.61 3.41
N GLN E 65 -12.44 -15.30 3.29
CA GLN E 65 -13.35 -14.48 2.56
C GLN E 65 -13.32 -14.92 1.12
N THR E 66 -12.10 -15.03 0.60
CA THR E 66 -11.83 -15.46 -0.77
C THR E 66 -12.48 -16.82 -1.04
N ILE E 67 -12.16 -17.83 -0.22
CA ILE E 67 -12.65 -19.18 -0.49
C ILE E 67 -14.16 -19.28 -0.28
N ALA E 68 -14.65 -18.55 0.73
CA ALA E 68 -16.08 -18.51 1.04
C ALA E 68 -16.88 -18.08 -0.19
N ALA E 69 -16.40 -17.03 -0.85
CA ALA E 69 -16.98 -16.51 -2.08
C ALA E 69 -16.95 -17.57 -3.17
N ALA E 70 -15.83 -18.30 -3.25
CA ALA E 70 -15.69 -19.34 -4.27
C ALA E 70 -16.85 -20.32 -4.14
N ASN E 71 -17.05 -20.80 -2.91
CA ASN E 71 -18.06 -21.81 -2.61
C ASN E 71 -19.45 -21.23 -2.40
N ASP E 72 -19.67 -20.00 -2.86
CA ASP E 72 -20.96 -19.31 -2.77
C ASP E 72 -21.49 -19.28 -1.32
N TYR E 73 -20.57 -19.49 -0.37
CA TYR E 73 -20.88 -19.51 1.06
C TYR E 73 -21.66 -20.76 1.47
N TRP E 74 -21.48 -21.85 0.71
CA TRP E 74 -22.06 -23.16 1.07
C TRP E 74 -23.56 -23.11 1.43
N THR F 4 6.95 -5.26 -20.33
CA THR F 4 5.56 -5.43 -19.78
C THR F 4 5.32 -6.83 -19.17
N TRP F 5 4.97 -6.81 -17.88
CA TRP F 5 5.02 -7.95 -16.97
C TRP F 5 3.67 -8.51 -16.51
N LEU F 6 2.61 -7.70 -16.65
CA LEU F 6 1.26 -8.13 -16.27
C LEU F 6 0.28 -8.01 -17.41
N PRO F 7 0.29 -9.01 -18.32
CA PRO F 7 -0.61 -8.97 -19.47
C PRO F 7 -2.07 -9.31 -19.11
N THR F 8 -2.27 -10.23 -18.16
CA THR F 8 -3.61 -10.60 -17.69
C THR F 8 -3.64 -11.07 -16.24
N LEU F 9 -4.87 -11.24 -15.75
CA LEU F 9 -5.14 -11.79 -14.42
C LEU F 9 -5.82 -13.14 -14.54
N VAL F 10 -6.02 -13.59 -15.77
CA VAL F 10 -6.59 -14.90 -16.01
C VAL F 10 -5.49 -15.95 -16.01
N THR F 11 -5.66 -16.96 -15.17
CA THR F 11 -4.67 -17.98 -15.01
C THR F 11 -5.37 -19.30 -15.19
N ALA F 12 -4.65 -20.30 -15.68
CA ALA F 12 -5.26 -21.61 -15.92
C ALA F 12 -5.83 -22.32 -14.66
N THR F 13 -5.16 -22.16 -13.51
CA THR F 13 -5.47 -22.92 -12.30
C THR F 13 -5.31 -22.12 -11.00
N PRO F 14 -6.02 -22.51 -9.92
CA PRO F 14 -5.87 -21.79 -8.67
C PRO F 14 -4.41 -21.63 -8.29
N GLN F 15 -3.69 -22.73 -8.29
CA GLN F 15 -2.28 -22.74 -7.96
C GLN F 15 -1.49 -21.73 -8.79
N GLU F 16 -1.97 -21.42 -9.98
CA GLU F 16 -1.29 -20.47 -10.85
C GLU F 16 -1.70 -19.07 -10.49
N GLY F 17 -2.95 -18.94 -10.03
CA GLY F 17 -3.46 -17.70 -9.46
C GLY F 17 -2.73 -17.27 -8.19
N PHE F 18 -2.38 -18.23 -7.35
CA PHE F 18 -1.69 -17.94 -6.09
C PHE F 18 -0.26 -17.46 -6.33
N ASP F 19 0.42 -18.09 -7.30
CA ASP F 19 1.78 -17.67 -7.70
C ASP F 19 1.78 -16.26 -8.25
N LEU F 20 0.82 -15.98 -9.14
CA LEU F 20 0.61 -14.63 -9.67
C LEU F 20 0.42 -13.62 -8.56
N ALA F 21 -0.33 -14.00 -7.53
CA ALA F 21 -0.51 -13.16 -6.37
C ALA F 21 0.78 -12.88 -5.61
N VAL F 22 1.72 -13.82 -5.63
CA VAL F 22 3.00 -13.63 -4.94
C VAL F 22 3.90 -12.72 -5.76
N LYS F 23 3.72 -12.80 -7.09
CA LYS F 23 4.50 -12.01 -8.03
C LYS F 23 4.10 -10.55 -7.85
N LEU F 24 2.80 -10.30 -7.92
CA LEU F 24 2.22 -8.99 -7.73
C LEU F 24 2.65 -8.31 -6.43
N SER F 25 2.70 -9.06 -5.35
CA SER F 25 3.10 -8.57 -4.05
C SER F 25 4.58 -8.19 -4.07
N ARG F 26 5.35 -8.83 -4.95
CA ARG F 26 6.77 -8.57 -5.04
C ARG F 26 7.11 -7.39 -5.93
N ILE F 27 6.42 -7.30 -7.07
CA ILE F 27 6.80 -6.30 -8.04
C ILE F 27 6.54 -4.90 -7.49
N ALA F 28 5.52 -4.78 -6.62
CA ALA F 28 5.27 -3.52 -5.92
C ALA F 28 6.47 -3.13 -5.06
N VAL F 29 7.21 -4.11 -4.57
CA VAL F 29 8.39 -3.84 -3.77
C VAL F 29 9.52 -3.41 -4.66
N LYS F 30 9.72 -4.17 -5.73
CA LYS F 30 10.75 -3.88 -6.70
C LYS F 30 10.57 -2.45 -7.22
N LYS F 31 9.37 -2.15 -7.71
CA LYS F 31 9.07 -0.82 -8.25
C LYS F 31 9.35 0.31 -7.28
N THR F 32 9.06 0.11 -6.00
CA THR F 32 9.27 1.19 -5.04
C THR F 32 10.69 1.27 -4.50
N GLN F 33 11.43 0.17 -4.63
CA GLN F 33 12.85 0.16 -4.29
C GLN F 33 13.60 -0.69 -5.29
N PRO F 34 14.03 -0.07 -6.41
CA PRO F 34 14.62 -0.75 -7.55
C PRO F 34 16.12 -1.07 -7.39
N ASP F 35 16.74 -0.54 -6.33
CA ASP F 35 18.09 -0.93 -5.98
C ASP F 35 18.11 -2.38 -5.49
N ALA F 36 18.34 -3.30 -6.43
CA ALA F 36 18.42 -4.73 -6.14
C ALA F 36 19.30 -5.06 -4.94
N GLN F 37 20.35 -4.25 -4.76
CA GLN F 37 21.34 -4.42 -3.70
C GLN F 37 20.81 -4.19 -2.29
N VAL F 38 20.00 -3.15 -2.10
CA VAL F 38 19.38 -2.92 -0.77
C VAL F 38 18.33 -3.99 -0.49
N ARG F 39 17.65 -4.45 -1.54
CA ARG F 39 16.61 -5.47 -1.41
C ARG F 39 17.22 -6.75 -0.86
N ASP F 40 18.46 -7.01 -1.29
CA ASP F 40 19.25 -8.12 -0.76
C ASP F 40 19.52 -7.90 0.73
N THR F 41 19.81 -6.65 1.12
CA THR F 41 20.06 -6.29 2.52
C THR F 41 18.80 -6.48 3.35
N LEU F 42 17.67 -6.03 2.81
CA LEU F 42 16.39 -6.14 3.49
C LEU F 42 15.86 -7.58 3.52
N ARG F 43 16.18 -8.37 2.49
CA ARG F 43 15.77 -9.77 2.44
C ARG F 43 16.33 -10.50 3.65
N ALA F 44 17.65 -10.40 3.83
CA ALA F 44 18.31 -11.03 4.96
C ALA F 44 17.65 -10.64 6.29
N VAL F 45 17.11 -9.43 6.34
CA VAL F 45 16.39 -8.95 7.52
C VAL F 45 15.02 -9.63 7.69
N TYR F 46 14.14 -9.49 6.71
CA TYR F 46 12.75 -9.89 6.94
C TYR F 46 12.54 -11.39 6.81
N GLU F 47 13.49 -12.07 6.16
CA GLU F 47 13.31 -13.48 5.90
C GLU F 47 13.39 -14.26 7.22
N LYS F 48 14.10 -13.68 8.19
CA LYS F 48 14.16 -14.20 9.56
C LYS F 48 13.29 -13.40 10.52
N ASP F 49 12.35 -12.63 9.98
CA ASP F 49 11.40 -11.91 10.83
C ASP F 49 9.98 -12.49 10.75
N ALA F 50 9.56 -13.13 11.85
CA ALA F 50 8.22 -13.73 11.97
C ALA F 50 7.12 -12.77 11.57
N ASN F 51 7.08 -11.61 12.21
CA ASN F 51 6.01 -10.66 11.98
C ASN F 51 5.96 -10.20 10.53
N ALA F 52 7.13 -10.01 9.91
CA ALA F 52 7.21 -9.56 8.52
C ALA F 52 6.61 -10.58 7.59
N LEU F 53 6.94 -11.84 7.82
CA LEU F 53 6.47 -12.94 6.99
C LEU F 53 4.96 -13.13 7.04
N ILE F 54 4.39 -12.97 8.23
CA ILE F 54 2.95 -12.94 8.39
C ILE F 54 2.42 -11.80 7.52
N ALA F 55 3.04 -10.62 7.68
CA ALA F 55 2.67 -9.42 6.96
C ALA F 55 2.84 -9.62 5.45
N VAL F 56 3.84 -10.41 5.08
CA VAL F 56 4.06 -10.78 3.70
C VAL F 56 2.86 -11.59 3.24
N SER F 57 2.53 -12.63 4.00
CA SER F 57 1.45 -13.54 3.62
C SER F 57 0.10 -12.81 3.46
N ALA F 58 -0.06 -11.72 4.21
CA ALA F 58 -1.29 -10.95 4.23
C ALA F 58 -1.41 -10.17 2.93
N VAL F 59 -0.27 -9.65 2.46
CA VAL F 59 -0.24 -8.92 1.21
C VAL F 59 -0.64 -9.81 0.03
N VAL F 60 -0.20 -11.08 0.06
CA VAL F 60 -0.55 -12.01 -1.02
C VAL F 60 -2.01 -12.46 -0.90
N ALA F 61 -2.51 -12.43 0.33
CA ALA F 61 -3.93 -12.71 0.60
C ALA F 61 -4.82 -11.73 -0.15
N THR F 62 -4.46 -10.45 -0.08
CA THR F 62 -5.25 -9.44 -0.74
C THR F 62 -5.26 -9.64 -2.27
N HIS F 63 -4.08 -9.75 -2.86
CA HIS F 63 -3.98 -10.03 -4.28
C HIS F 63 -4.74 -11.28 -4.71
N PHE F 64 -4.54 -12.40 -4.01
CA PHE F 64 -5.21 -13.65 -4.37
C PHE F 64 -6.70 -13.42 -4.39
N GLN F 65 -7.16 -12.56 -3.51
CA GLN F 65 -8.55 -12.15 -3.50
C GLN F 65 -8.94 -11.63 -4.86
N THR F 66 -8.15 -10.69 -5.35
CA THR F 66 -8.39 -10.05 -6.64
C THR F 66 -8.26 -10.99 -7.84
N ILE F 67 -7.19 -11.77 -7.88
CA ILE F 67 -6.98 -12.67 -9.00
C ILE F 67 -7.96 -13.85 -9.01
N ALA F 68 -8.34 -14.34 -7.83
CA ALA F 68 -9.39 -15.36 -7.75
C ALA F 68 -10.70 -14.82 -8.30
N ALA F 69 -11.00 -13.56 -8.01
CA ALA F 69 -12.19 -12.90 -8.54
C ALA F 69 -12.19 -12.90 -10.08
N ALA F 70 -11.01 -12.60 -10.65
CA ALA F 70 -10.81 -12.52 -12.08
C ALA F 70 -11.17 -13.86 -12.75
N ASN F 71 -10.55 -14.90 -12.24
CA ASN F 71 -10.73 -16.24 -12.75
C ASN F 71 -12.01 -16.88 -12.31
N ASP F 72 -12.89 -16.07 -11.70
CA ASP F 72 -14.20 -16.51 -11.23
C ASP F 72 -14.02 -17.72 -10.30
N TYR F 73 -12.92 -17.72 -9.57
CA TYR F 73 -12.60 -18.75 -8.57
C TYR F 73 -12.36 -20.15 -9.20
N TRP F 74 -12.16 -20.15 -10.52
CA TRP F 74 -11.85 -21.37 -11.28
C TRP F 74 -12.93 -22.42 -11.16
N THR G 4 -30.62 -6.98 22.59
CA THR G 4 -30.51 -6.90 21.10
C THR G 4 -29.91 -5.56 20.65
N TRP G 5 -28.59 -5.54 20.49
CA TRP G 5 -27.85 -4.34 20.12
C TRP G 5 -27.65 -4.22 18.59
N LEU G 6 -27.78 -5.34 17.88
CA LEU G 6 -27.72 -5.33 16.41
C LEU G 6 -28.97 -5.99 15.81
N PRO G 7 -29.98 -5.18 15.47
CA PRO G 7 -31.25 -5.61 14.83
C PRO G 7 -31.17 -5.80 13.30
N THR G 8 -30.65 -4.80 12.59
CA THR G 8 -30.35 -4.94 11.17
C THR G 8 -29.06 -4.24 10.80
N LEU G 9 -28.68 -4.38 9.54
CA LEU G 9 -27.57 -3.60 8.99
C LEU G 9 -28.12 -2.50 8.11
N VAL G 10 -29.43 -2.54 7.86
CA VAL G 10 -30.11 -1.59 6.99
C VAL G 10 -30.32 -0.23 7.64
N THR G 11 -29.74 0.78 7.01
CA THR G 11 -29.68 2.12 7.54
C THR G 11 -30.40 3.10 6.61
N ALA G 12 -31.11 4.05 7.22
CA ALA G 12 -31.79 5.09 6.45
C ALA G 12 -30.84 5.88 5.54
N THR G 13 -29.78 6.44 6.13
CA THR G 13 -28.83 7.28 5.40
C THR G 13 -27.35 6.88 5.60
N PRO G 14 -26.52 7.05 4.55
CA PRO G 14 -25.10 6.71 4.59
C PRO G 14 -24.43 7.19 5.87
N GLN G 15 -24.89 8.32 6.40
CA GLN G 15 -24.36 8.89 7.65
C GLN G 15 -24.67 8.01 8.84
N GLU G 16 -25.93 7.59 8.98
CA GLU G 16 -26.26 6.57 9.97
C GLU G 16 -25.51 5.28 9.66
N GLY G 17 -25.20 5.09 8.37
CA GLY G 17 -24.38 3.98 7.92
C GLY G 17 -22.96 3.99 8.48
N PHE G 18 -22.36 5.19 8.57
CA PHE G 18 -21.04 5.34 9.13
C PHE G 18 -21.03 5.06 10.63
N ASP G 19 -22.02 5.59 11.33
CA ASP G 19 -22.16 5.42 12.80
C ASP G 19 -22.32 3.97 13.25
N LEU G 20 -23.10 3.23 12.47
CA LEU G 20 -23.26 1.80 12.69
C LEU G 20 -21.91 1.12 12.56
N ALA G 21 -21.06 1.64 11.68
CA ALA G 21 -19.74 1.08 11.43
C ALA G 21 -18.77 1.43 12.55
N VAL G 22 -19.09 2.52 13.24
CA VAL G 22 -18.31 2.96 14.38
C VAL G 22 -18.73 2.12 15.54
N LYS G 23 -20.01 1.78 15.58
CA LYS G 23 -20.56 0.91 16.62
C LYS G 23 -19.89 -0.47 16.56
N LEU G 24 -20.11 -1.19 15.46
CA LEU G 24 -19.53 -2.51 15.27
C LEU G 24 -18.04 -2.60 15.66
N SER G 25 -17.33 -1.48 15.51
CA SER G 25 -15.90 -1.42 15.78
C SER G 25 -15.63 -1.37 17.27
N ARG G 26 -16.56 -0.77 18.01
CA ARG G 26 -16.42 -0.67 19.45
C ARG G 26 -16.97 -1.90 20.13
N ILE G 27 -18.13 -2.37 19.70
CA ILE G 27 -18.75 -3.51 20.36
C ILE G 27 -17.83 -4.74 20.37
N ALA G 28 -17.08 -4.94 19.29
CA ALA G 28 -16.11 -6.02 19.22
C ALA G 28 -15.09 -5.90 20.35
N VAL G 29 -14.68 -4.67 20.66
CA VAL G 29 -13.74 -4.41 21.76
C VAL G 29 -14.44 -4.66 23.09
N LYS G 30 -15.67 -4.17 23.19
CA LYS G 30 -16.48 -4.35 24.40
C LYS G 30 -16.59 -5.85 24.73
N LYS G 31 -16.93 -6.65 23.73
CA LYS G 31 -17.12 -8.08 23.92
C LYS G 31 -15.87 -8.80 24.38
N THR G 32 -14.72 -8.43 23.83
CA THR G 32 -13.50 -9.15 24.13
C THR G 32 -12.95 -8.69 25.45
N GLN G 33 -13.28 -7.45 25.81
CA GLN G 33 -12.83 -6.87 27.05
C GLN G 33 -14.01 -6.20 27.76
N PRO G 34 -14.75 -6.98 28.55
CA PRO G 34 -15.93 -6.50 29.24
C PRO G 34 -15.68 -5.80 30.57
N ASP G 35 -14.42 -5.72 31.02
CA ASP G 35 -14.08 -4.94 32.23
C ASP G 35 -14.10 -3.45 31.87
N ALA G 36 -15.30 -2.87 31.93
CA ALA G 36 -15.55 -1.47 31.57
C ALA G 36 -14.56 -0.45 32.19
N GLN G 37 -13.81 -0.90 33.18
CA GLN G 37 -12.82 -0.05 33.82
C GLN G 37 -11.52 -0.03 33.05
N VAL G 38 -11.02 -1.18 32.62
CA VAL G 38 -9.77 -1.23 31.84
C VAL G 38 -9.95 -0.52 30.50
N ARG G 39 -11.16 -0.64 29.93
CA ARG G 39 -11.56 0.11 28.75
C ARG G 39 -11.35 1.61 28.91
N ASP G 40 -11.55 2.13 30.13
CA ASP G 40 -11.24 3.54 30.45
C ASP G 40 -9.73 3.78 30.53
N THR G 41 -8.99 2.85 31.14
CA THR G 41 -7.52 2.97 31.18
C THR G 41 -6.88 2.96 29.78
N LEU G 42 -7.37 2.07 28.92
CA LEU G 42 -6.86 1.96 27.53
C LEU G 42 -7.32 3.10 26.63
N ARG G 43 -8.53 3.62 26.92
CA ARG G 43 -9.07 4.76 26.21
C ARG G 43 -8.14 5.96 26.31
N ALA G 44 -7.71 6.26 27.54
CA ALA G 44 -6.72 7.29 27.80
C ALA G 44 -5.38 7.04 27.10
N VAL G 45 -5.05 5.78 26.84
CA VAL G 45 -3.82 5.46 26.13
C VAL G 45 -3.94 5.73 24.60
N TYR G 46 -5.00 5.23 23.97
CA TYR G 46 -5.13 5.37 22.50
C TYR G 46 -5.64 6.71 21.99
N GLU G 47 -6.50 7.37 22.78
CA GLU G 47 -7.08 8.65 22.39
C GLU G 47 -6.03 9.75 22.19
N LYS G 48 -4.79 9.45 22.57
CA LYS G 48 -3.65 10.35 22.39
C LYS G 48 -2.49 9.65 21.64
N ASP G 49 -2.84 8.56 20.94
CA ASP G 49 -1.91 7.76 20.16
C ASP G 49 -2.28 7.83 18.65
N ALA G 50 -1.35 8.33 17.84
CA ALA G 50 -1.61 8.64 16.44
C ALA G 50 -1.90 7.37 15.65
N ASN G 51 -0.91 6.47 15.65
CA ASN G 51 -1.04 5.15 15.05
C ASN G 51 -2.34 4.45 15.43
N ALA G 52 -2.67 4.49 16.71
CA ALA G 52 -3.93 3.94 17.22
C ALA G 52 -5.16 4.51 16.51
N LEU G 53 -5.29 5.82 16.51
CA LEU G 53 -6.40 6.50 15.87
C LEU G 53 -6.51 6.20 14.36
N ILE G 54 -5.38 5.94 13.71
CA ILE G 54 -5.37 5.57 12.31
C ILE G 54 -5.89 4.14 12.18
N ALA G 55 -5.34 3.27 13.04
CA ALA G 55 -5.71 1.85 13.11
C ALA G 55 -7.17 1.68 13.49
N VAL G 56 -7.68 2.65 14.26
CA VAL G 56 -9.05 2.71 14.70
C VAL G 56 -9.94 3.02 13.52
N SER G 57 -9.47 3.92 12.66
CA SER G 57 -10.18 4.37 11.49
C SER G 57 -10.26 3.22 10.50
N ALA G 58 -9.17 2.44 10.45
CA ALA G 58 -9.07 1.30 9.55
C ALA G 58 -10.23 0.33 9.76
N VAL G 59 -10.49 0.05 11.02
CA VAL G 59 -11.54 -0.89 11.40
C VAL G 59 -12.91 -0.42 10.91
N VAL G 60 -13.16 0.89 11.01
CA VAL G 60 -14.50 1.41 10.62
C VAL G 60 -14.62 1.55 9.11
N ALA G 61 -13.49 1.52 8.43
CA ALA G 61 -13.47 1.52 7.00
C ALA G 61 -13.92 0.15 6.52
N THR G 62 -13.50 -0.89 7.23
CA THR G 62 -13.89 -2.27 6.88
C THR G 62 -15.37 -2.55 7.17
N HIS G 63 -15.84 -2.16 8.37
CA HIS G 63 -17.25 -2.31 8.71
C HIS G 63 -18.13 -1.51 7.75
N PHE G 64 -17.76 -0.25 7.50
CA PHE G 64 -18.53 0.62 6.63
C PHE G 64 -18.65 0.03 5.23
N GLN G 65 -17.62 -0.69 4.82
CA GLN G 65 -17.62 -1.37 3.54
C GLN G 65 -18.74 -2.41 3.51
N THR G 66 -18.87 -3.16 4.61
CA THR G 66 -19.90 -4.18 4.76
C THR G 66 -21.32 -3.60 4.77
N ILE G 67 -21.53 -2.53 5.53
CA ILE G 67 -22.87 -1.96 5.68
C ILE G 67 -23.26 -1.07 4.51
N ALA G 68 -22.25 -0.55 3.81
CA ALA G 68 -22.51 0.14 2.56
C ALA G 68 -23.14 -0.87 1.60
N ALA G 69 -22.39 -1.94 1.33
CA ALA G 69 -22.90 -3.01 0.48
C ALA G 69 -24.33 -3.40 0.88
N ALA G 70 -24.52 -3.66 2.18
CA ALA G 70 -25.82 -4.04 2.73
C ALA G 70 -26.90 -3.11 2.20
N ASN G 71 -26.72 -1.81 2.46
CA ASN G 71 -27.66 -0.76 2.08
C ASN G 71 -27.69 -0.44 0.60
N ASP G 72 -27.25 -1.40 -0.22
CA ASP G 72 -27.09 -1.24 -1.65
C ASP G 72 -26.47 0.12 -2.01
N TYR G 73 -25.63 0.63 -1.11
CA TYR G 73 -24.95 1.93 -1.28
C TYR G 73 -25.92 3.16 -1.35
N TRP G 74 -27.10 3.03 -0.79
CA TRP G 74 -28.06 4.15 -0.67
C TRP G 74 -28.33 4.91 -2.00
N THR H 4 -16.27 -31.29 14.34
CA THR H 4 -17.19 -30.42 13.57
C THR H 4 -17.61 -29.21 14.39
N TRP H 5 -17.10 -28.04 14.01
CA TRP H 5 -17.30 -26.80 14.77
C TRP H 5 -17.93 -25.65 13.96
N LEU H 6 -17.81 -25.68 12.63
CA LEU H 6 -18.39 -24.63 11.79
C LEU H 6 -19.29 -25.23 10.70
N PRO H 7 -20.51 -25.64 11.08
CA PRO H 7 -21.46 -26.23 10.13
C PRO H 7 -21.93 -25.24 9.05
N THR H 8 -22.32 -24.03 9.44
CA THR H 8 -22.74 -23.01 8.48
C THR H 8 -22.27 -21.61 8.82
N LEU H 9 -22.45 -20.72 7.84
CA LEU H 9 -22.26 -19.30 7.98
C LEU H 9 -23.64 -18.67 8.04
N VAL H 10 -24.64 -19.47 7.66
CA VAL H 10 -26.03 -19.06 7.67
C VAL H 10 -26.53 -18.83 9.09
N THR H 11 -26.71 -17.56 9.42
CA THR H 11 -27.11 -17.13 10.75
C THR H 11 -28.53 -16.52 10.75
N ALA H 12 -29.22 -16.63 11.88
CA ALA H 12 -30.60 -16.15 11.99
C ALA H 12 -30.75 -14.62 12.00
N THR H 13 -29.76 -13.92 12.54
CA THR H 13 -29.81 -12.47 12.78
C THR H 13 -28.42 -11.82 12.67
N PRO H 14 -28.37 -10.55 12.22
CA PRO H 14 -27.13 -9.76 12.21
C PRO H 14 -26.29 -9.98 13.47
N GLN H 15 -26.94 -9.95 14.62
CA GLN H 15 -26.25 -10.09 15.93
C GLN H 15 -25.56 -11.45 16.13
N GLU H 16 -26.21 -12.52 15.70
CA GLU H 16 -25.60 -13.84 15.66
C GLU H 16 -24.43 -13.82 14.70
N GLY H 17 -24.63 -13.16 13.57
CA GLY H 17 -23.59 -12.98 12.57
C GLY H 17 -22.30 -12.45 13.14
N PHE H 18 -22.40 -11.40 13.95
CA PHE H 18 -21.24 -10.77 14.57
C PHE H 18 -20.57 -11.76 15.54
N ASP H 19 -21.39 -12.50 16.30
CA ASP H 19 -20.87 -13.50 17.23
C ASP H 19 -20.10 -14.58 16.50
N LEU H 20 -20.68 -15.04 15.38
CA LEU H 20 -20.00 -15.97 14.49
C LEU H 20 -18.69 -15.37 13.96
N ALA H 21 -18.69 -14.07 13.71
CA ALA H 21 -17.48 -13.41 13.24
C ALA H 21 -16.46 -13.30 14.36
N VAL H 22 -16.93 -13.27 15.61
CA VAL H 22 -16.02 -13.25 16.74
C VAL H 22 -15.44 -14.64 16.98
N LYS H 23 -16.23 -15.66 16.65
CA LYS H 23 -15.81 -17.04 16.83
C LYS H 23 -14.69 -17.37 15.86
N LEU H 24 -14.99 -17.22 14.58
CA LEU H 24 -14.02 -17.44 13.51
C LEU H 24 -12.70 -16.72 13.77
N SER H 25 -12.81 -15.51 14.29
CA SER H 25 -11.66 -14.74 14.71
C SER H 25 -10.82 -15.55 15.66
N ARG H 26 -11.44 -16.02 16.74
CA ARG H 26 -10.71 -16.72 17.78
C ARG H 26 -10.19 -18.05 17.29
N ILE H 27 -11.04 -18.85 16.66
CA ILE H 27 -10.66 -20.24 16.44
C ILE H 27 -9.35 -20.38 15.65
N ALA H 28 -9.06 -19.40 14.79
CA ALA H 28 -7.79 -19.36 14.09
C ALA H 28 -6.67 -19.30 15.11
N VAL H 29 -6.91 -18.61 16.21
CA VAL H 29 -5.90 -18.51 17.28
C VAL H 29 -5.76 -19.85 17.95
N LYS H 30 -6.91 -20.43 18.29
CA LYS H 30 -6.98 -21.71 18.98
C LYS H 30 -6.32 -22.81 18.13
N LYS H 31 -6.38 -22.68 16.81
CA LYS H 31 -5.78 -23.67 15.91
C LYS H 31 -4.28 -23.48 15.71
N THR H 32 -3.81 -22.24 15.64
CA THR H 32 -2.38 -22.02 15.43
C THR H 32 -1.61 -22.16 16.76
N GLN H 33 -2.34 -22.00 17.86
CA GLN H 33 -1.79 -22.16 19.17
C GLN H 33 -2.80 -22.94 20.03
N PRO H 34 -2.79 -24.27 19.89
CA PRO H 34 -3.77 -25.10 20.58
C PRO H 34 -3.49 -25.27 22.07
N ASP H 35 -2.32 -24.85 22.55
CA ASP H 35 -1.99 -24.93 23.97
C ASP H 35 -2.76 -23.91 24.79
N ALA H 36 -3.91 -24.33 25.31
CA ALA H 36 -4.81 -23.43 26.04
C ALA H 36 -4.14 -22.71 27.22
N GLN H 37 -3.06 -23.29 27.72
CA GLN H 37 -2.35 -22.70 28.85
C GLN H 37 -1.64 -21.41 28.45
N VAL H 38 -0.94 -21.42 27.31
CA VAL H 38 -0.24 -20.22 26.82
C VAL H 38 -1.20 -19.11 26.36
N ARG H 39 -2.37 -19.52 25.83
CA ARG H 39 -3.42 -18.60 25.44
C ARG H 39 -3.98 -17.87 26.66
N ASP H 40 -3.82 -18.48 27.83
CA ASP H 40 -4.13 -17.84 29.09
C ASP H 40 -3.04 -16.83 29.50
N THR H 41 -1.79 -17.18 29.24
CA THR H 41 -0.68 -16.27 29.55
C THR H 41 -0.73 -15.07 28.61
N LEU H 42 -1.19 -15.32 27.40
CA LEU H 42 -1.28 -14.29 26.36
C LEU H 42 -2.53 -13.43 26.47
N ARG H 43 -3.67 -14.03 26.82
CA ARG H 43 -4.88 -13.24 27.09
C ARG H 43 -4.54 -12.12 28.06
N ALA H 44 -3.96 -12.49 29.19
CA ALA H 44 -3.57 -11.53 30.23
C ALA H 44 -2.74 -10.39 29.65
N VAL H 45 -2.14 -10.61 28.48
CA VAL H 45 -1.41 -9.55 27.79
C VAL H 45 -2.35 -8.69 26.92
N TYR H 46 -2.85 -9.26 25.82
CA TYR H 46 -3.67 -8.48 24.87
C TYR H 46 -4.90 -7.82 25.46
N GLU H 47 -5.53 -8.44 26.46
CA GLU H 47 -6.75 -7.90 27.08
C GLU H 47 -6.56 -6.51 27.65
N LYS H 48 -5.33 -6.19 28.06
CA LYS H 48 -5.01 -4.88 28.61
C LYS H 48 -4.14 -4.06 27.64
N ASP H 49 -4.25 -4.38 26.35
CA ASP H 49 -3.46 -3.70 25.34
C ASP H 49 -4.40 -3.08 24.31
N ALA H 50 -4.34 -1.76 24.20
CA ALA H 50 -5.26 -1.00 23.38
C ALA H 50 -5.12 -1.34 21.90
N ASN H 51 -3.87 -1.32 21.42
CA ASN H 51 -3.52 -1.71 20.03
C ASN H 51 -4.05 -3.09 19.64
N ALA H 52 -3.74 -4.06 20.50
CA ALA H 52 -4.16 -5.43 20.33
C ALA H 52 -5.69 -5.52 20.21
N LEU H 53 -6.41 -4.79 21.06
CA LEU H 53 -7.86 -4.86 21.06
C LEU H 53 -8.42 -4.23 19.79
N ILE H 54 -7.77 -3.17 19.33
CA ILE H 54 -8.15 -2.54 18.08
C ILE H 54 -7.93 -3.55 16.94
N ALA H 55 -6.73 -4.11 16.88
CA ALA H 55 -6.36 -5.10 15.89
C ALA H 55 -7.24 -6.36 15.95
N VAL H 56 -7.79 -6.63 17.13
CA VAL H 56 -8.76 -7.70 17.28
C VAL H 56 -10.02 -7.30 16.52
N SER H 57 -10.54 -6.10 16.78
CA SER H 57 -11.76 -5.62 16.14
C SER H 57 -11.61 -5.56 14.62
N ALA H 58 -10.36 -5.41 14.16
CA ALA H 58 -10.06 -5.46 12.75
C ALA H 58 -10.41 -6.84 12.21
N VAL H 59 -9.96 -7.88 12.90
CA VAL H 59 -10.13 -9.25 12.42
C VAL H 59 -11.61 -9.65 12.32
N VAL H 60 -12.38 -9.23 13.31
CA VAL H 60 -13.80 -9.56 13.33
C VAL H 60 -14.50 -8.78 12.22
N ALA H 61 -14.08 -7.53 12.03
CA ALA H 61 -14.58 -6.70 10.92
C ALA H 61 -14.53 -7.46 9.60
N THR H 62 -13.36 -7.97 9.25
CA THR H 62 -13.16 -8.77 8.05
C THR H 62 -14.05 -10.02 8.00
N HIS H 63 -14.04 -10.79 9.09
CA HIS H 63 -14.85 -11.99 9.15
C HIS H 63 -16.32 -11.62 9.00
N PHE H 64 -16.76 -10.60 9.73
CA PHE H 64 -18.18 -10.21 9.71
C PHE H 64 -18.58 -9.83 8.29
N GLN H 65 -17.63 -9.30 7.53
CA GLN H 65 -17.87 -8.95 6.14
C GLN H 65 -18.20 -10.19 5.32
N THR H 66 -17.46 -11.28 5.54
CA THR H 66 -17.73 -12.53 4.83
C THR H 66 -19.08 -13.10 5.23
N ILE H 67 -19.29 -13.31 6.52
CA ILE H 67 -20.57 -13.86 6.96
C ILE H 67 -21.80 -13.00 6.57
N ALA H 68 -21.62 -11.67 6.54
CA ALA H 68 -22.70 -10.76 6.15
C ALA H 68 -23.13 -10.98 4.70
N ALA H 69 -22.15 -11.17 3.82
CA ALA H 69 -22.45 -11.45 2.42
C ALA H 69 -23.09 -12.82 2.30
N ALA H 70 -22.62 -13.77 3.10
CA ALA H 70 -23.21 -15.11 3.16
C ALA H 70 -24.73 -15.08 3.43
N ASN H 71 -25.16 -14.18 4.32
CA ASN H 71 -26.56 -14.07 4.71
C ASN H 71 -27.27 -12.94 3.98
N ASP H 72 -26.66 -12.53 2.88
CA ASP H 72 -27.19 -11.51 2.00
C ASP H 72 -27.55 -10.25 2.78
N TYR H 73 -26.90 -10.08 3.93
CA TYR H 73 -27.04 -8.88 4.77
C TYR H 73 -28.32 -8.87 5.62
N TRP H 74 -29.07 -9.97 5.56
CA TRP H 74 -30.27 -10.13 6.41
C TRP H 74 -31.37 -9.13 6.07
I IOD I . 21.82 14.02 -5.89
CHA HEM J . 20.49 18.40 -1.40
CHB HEM J . 19.48 20.49 -5.61
CHC HEM J . 23.60 18.75 -7.46
CHD HEM J . 24.37 16.22 -3.39
C1A HEM J . 19.86 19.13 -2.38
C2A HEM J . 18.61 19.86 -2.21
C3A HEM J . 18.32 20.44 -3.37
C4A HEM J . 19.39 20.09 -4.30
CMA HEM J . 17.11 21.33 -3.71
CAA HEM J . 17.79 19.93 -0.89
CBA HEM J . 18.46 20.90 0.10
CGA HEM J . 17.68 20.96 1.40
O1A HEM J . 16.43 21.02 1.38
O2A HEM J . 18.32 20.96 2.47
C1B HEM J . 20.51 20.18 -6.47
C2B HEM J . 20.55 20.56 -7.86
C3B HEM J . 21.69 20.09 -8.39
C4B HEM J . 22.39 19.39 -7.34
CMB HEM J . 19.44 21.39 -8.58
CAB HEM J . 22.19 20.26 -9.85
CBB HEM J . 22.27 19.21 -10.65
C1C HEM J . 24.17 17.93 -6.50
C2C HEM J . 25.43 17.25 -6.64
C3C HEM J . 25.65 16.55 -5.53
C4C HEM J . 24.52 16.76 -4.65
CMC HEM J . 26.34 17.37 -7.89
CAC HEM J . 26.87 15.68 -5.19
CBC HEM J . 27.14 14.56 -5.84
C1D HEM J . 23.39 16.57 -2.50
C2D HEM J . 23.25 15.99 -1.18
C3D HEM J . 22.05 16.67 -0.58
C4D HEM J . 21.58 17.60 -1.58
CMD HEM J . 24.11 14.92 -0.49
CAD HEM J . 21.49 16.42 0.83
CBD HEM J . 22.20 17.46 1.69
CGD HEM J . 21.80 17.39 3.13
O1D HEM J . 22.17 16.36 3.78
O2D HEM J . 21.13 18.35 3.62
NA HEM J . 20.31 19.30 -3.66
NB HEM J . 21.65 19.46 -6.19
NC HEM J . 23.63 17.62 -5.26
ND HEM J . 22.38 17.52 -2.70
FE HEM J . 22.06 18.67 -4.41
I IOD K . 31.85 7.41 -21.72
I IOD L . 30.16 11.88 -22.48
CHA HEM M . 30.16 6.04 -15.96
CHB HEM M . 27.19 9.58 -17.25
CHC HEM M . 30.92 12.16 -18.98
CHD HEM M . 33.75 8.25 -18.34
C1A HEM M . 29.02 6.76 -16.15
C2A HEM M . 27.69 6.36 -15.72
C3A HEM M . 26.85 7.35 -16.07
C4A HEM M . 27.64 8.39 -16.71
CMA HEM M . 25.31 7.40 -15.84
CAA HEM M . 27.36 5.03 -14.98
CBA HEM M . 27.77 5.12 -13.51
CGA HEM M . 27.50 3.88 -12.65
O1A HEM M . 26.65 3.02 -13.03
O2A HEM M . 28.16 3.77 -11.56
C1B HEM M . 27.94 10.58 -17.83
C2B HEM M . 27.39 11.80 -18.38
C3B HEM M . 28.42 12.54 -18.87
C4B HEM M . 29.64 11.79 -18.64
CMB HEM M . 25.88 12.14 -18.38
CAB HEM M . 28.33 13.94 -19.52
CBB HEM M . 28.18 14.13 -20.83
C1C HEM M . 32.01 11.34 -18.94
C2C HEM M . 33.38 11.68 -19.27
C3C HEM M . 34.15 10.61 -19.09
C4C HEM M . 33.30 9.53 -18.64
CMC HEM M . 33.87 13.08 -19.73
CAC HEM M . 35.67 10.47 -19.29
CBC HEM M . 36.24 10.46 -20.50
C1D HEM M . 33.07 7.27 -17.66
C2D HEM M . 33.56 5.94 -17.35
C3D HEM M . 32.42 5.28 -16.62
C4D HEM M . 31.37 6.25 -16.56
CMD HEM M . 34.93 5.29 -17.69
CAD HEM M . 32.39 3.85 -16.04
CBD HEM M . 32.81 4.09 -14.60
CGD HEM M . 32.83 2.85 -13.75
O1D HEM M . 33.65 1.93 -14.06
O2D HEM M . 32.02 2.83 -12.78
NA HEM M . 28.94 8.00 -16.75
NB HEM M . 29.30 10.61 -18.01
NC HEM M . 31.99 10.01 -18.55
ND HEM M . 31.77 7.41 -17.18
FE HEM M . 30.45 9.16 -17.46
I IOD N . 4.42 10.76 -2.46
I IOD O . 3.25 7.49 -9.20
CHA HEM P . 9.36 7.34 -4.75
CHB HEM P . 5.69 4.20 -4.26
CHC HEM P . 4.64 5.93 0.15
CHD HEM P . 7.80 9.55 -0.68
C1A HEM P . 8.49 6.28 -4.97
C2A HEM P . 8.57 5.34 -6.08
C3A HEM P . 7.56 4.47 -5.94
C4A HEM P . 6.81 4.84 -4.74
CMA HEM P . 7.25 3.29 -6.89
CAA HEM P . 9.63 5.33 -7.22
CBA HEM P . 10.97 4.78 -6.72
CGA HEM P . 12.01 4.86 -7.82
O1A HEM P . 11.70 4.55 -9.01
O2A HEM P . 13.18 5.23 -7.50
C1B HEM P . 5.06 4.42 -3.06
C2B HEM P . 3.85 3.75 -2.61
C3B HEM P . 3.54 4.21 -1.38
C4B HEM P . 4.55 5.20 -1.03
CMB HEM P . 3.06 2.69 -3.42
CAB HEM P . 2.33 3.76 -0.55
CBB HEM P . 1.49 4.66 0.01
C1C HEM P . 5.42 7.06 0.32
C2C HEM P . 5.48 7.91 1.50
C3C HEM P . 6.34 8.91 1.27
C4C HEM P . 6.88 8.73 -0.06
CMC HEM P . 4.66 7.67 2.80
CAC HEM P . 6.74 10.05 2.23
CBC HEM P . 5.85 10.82 2.86
C1D HEM P . 8.53 9.29 -1.83
C2D HEM P . 9.61 10.11 -2.34
C3D HEM P . 10.10 9.43 -3.60
C4D HEM P . 9.27 8.26 -3.74
CMD HEM P . 10.18 11.42 -1.75
CAD HEM P . 11.26 9.93 -4.52
CBD HEM P . 12.59 9.33 -4.03
CGD HEM P . 13.80 9.71 -4.87
O1D HEM P . 14.37 10.84 -4.67
O2D HEM P . 14.25 8.88 -5.73
NA HEM P . 7.40 5.95 -4.17
NB HEM P . 5.45 5.29 -2.07
NC HEM P . 6.29 7.60 -0.62
ND HEM P . 8.35 8.21 -2.68
FE HEM P . 6.93 6.61 -2.24
I IOD Q . -8.73 14.60 11.64
I IOD R . -12.63 16.21 7.01
CHA HEM S . -4.61 17.43 8.12
CHB HEM S . -5.65 13.15 6.13
CHC HEM S . -5.34 10.88 10.37
CHD HEM S . -5.07 15.25 12.48
C1A HEM S . -4.87 16.45 7.20
C2A HEM S . -4.94 16.63 5.76
C3A HEM S . -5.23 15.45 5.21
C4A HEM S . -5.35 14.48 6.28
CMA HEM S . -5.41 15.16 3.70
CAA HEM S . -4.72 17.97 5.01
CBA HEM S . -3.24 18.29 4.86
CGA HEM S . -3.09 19.64 4.22
O1A HEM S . -3.75 19.90 3.18
O2A HEM S . -2.28 20.46 4.75
C1B HEM S . -5.67 12.16 7.09
C2B HEM S . -5.97 10.76 6.85
C3B HEM S . -5.90 10.12 8.02
C4B HEM S . -5.54 11.10 9.03
CMB HEM S . -6.33 10.17 5.49
CAB HEM S . -6.13 8.60 8.25
CBB HEM S . -7.28 8.08 8.68
C1C HEM S . -5.21 11.87 11.31
C2C HEM S . -5.04 11.65 12.72
C3C HEM S . -4.97 12.86 13.30
C4C HEM S . -5.10 13.89 12.28
CMC HEM S . -4.95 10.28 13.42
CAC HEM S . -4.77 13.12 14.80
CBC HEM S . -5.83 13.07 15.61
C1D HEM S . -4.90 16.26 11.54
C2D HEM S . -4.73 17.68 11.82
C3D HEM S . -4.60 18.37 10.46
C4D HEM S . -4.69 17.29 9.50
CMD HEM S . -4.70 18.38 13.18
CAD HEM S . -4.39 19.87 10.19
CBD HEM S . -2.88 20.16 10.33
CGD HEM S . -2.44 21.54 9.87
O1D HEM S . -3.04 22.55 10.32
O2D HEM S . -1.45 21.60 9.06
NA HEM S . -5.13 15.13 7.47
NB HEM S . -5.41 12.33 8.43
NC HEM S . -5.26 13.23 11.07
ND HEM S . -4.87 16.08 10.16
FE HEM S . -5.06 14.10 9.26
I IOD T . 4.77 -22.27 7.24
I IOD U . 0.81 -28.41 0.71
CHA HEM V . 2.26 -24.56 12.77
CHB HEM V . -0.95 -21.27 11.26
CHC HEM V . 2.52 -18.21 9.74
CHD HEM V . 5.73 -21.52 11.15
C1A HEM V . 1.06 -23.94 12.49
C2A HEM V . -0.27 -24.47 12.75
C3A HEM V . -1.16 -23.55 12.33
C4A HEM V . -0.42 -22.43 11.80
CMA HEM V . -2.70 -23.68 12.40
CAA HEM V . -0.61 -25.84 13.40
CBA HEM V . -0.30 -25.72 14.91
CGA HEM V . -0.57 -26.98 15.71
O1A HEM V . -1.25 -27.91 15.20
O2A HEM V . -0.10 -27.04 16.88
C1B HEM V . -0.28 -20.19 10.67
C2B HEM V . -0.94 -19.09 9.98
C3B HEM V . 0.03 -18.24 9.58
C4B HEM V . 1.30 -18.79 10.00
CMB HEM V . -2.46 -18.91 9.76
CAB HEM V . -0.14 -16.92 8.81
CBB HEM V . 0.13 -16.80 7.51
C1C HEM V . 3.71 -18.81 10.06
C2C HEM V . 5.03 -18.21 10.02
C3C HEM V . 5.89 -19.13 10.41
C4C HEM V . 5.17 -20.34 10.72
CMC HEM V . 5.38 -16.76 9.62
CAC HEM V . 7.42 -18.94 10.53
CBC HEM V . 8.18 -18.98 9.44
C1D HEM V . 5.11 -22.62 11.71
C2D HEM V . 5.83 -23.76 12.24
C3D HEM V . 4.76 -24.71 12.75
C4D HEM V . 3.50 -24.06 12.48
CMD HEM V . 7.37 -23.96 12.27
CAD HEM V . 4.99 -26.08 13.43
CBD HEM V . 5.88 -25.81 14.67
CGD HEM V . 5.88 -26.95 15.67
O1D HEM V . 6.72 -27.88 15.47
O2D HEM V . 5.05 -26.91 16.64
NA HEM V . 0.92 -22.69 11.92
NB HEM V . 1.07 -19.98 10.66
NC HEM V . 3.82 -20.12 10.49
ND HEM V . 3.75 -22.83 11.87
FE HEM V . 2.42 -21.25 11.38
I IOD W . 11.44 -8.38 -4.70
CHA HEM X . 12.73 -13.89 -2.31
CHB HEM X . 8.02 -13.25 -1.47
CHC HEM X . 8.59 -8.66 -0.05
CHD HEM X . 13.35 -9.22 -1.08
C1A HEM X . 11.37 -14.12 -2.22
C2A HEM X . 10.70 -15.37 -2.56
C3A HEM X . 9.40 -15.20 -2.33
C4A HEM X . 9.22 -13.84 -1.83
CMA HEM X . 8.28 -16.24 -2.56
CAA HEM X . 11.40 -16.65 -3.10
CBA HEM X . 12.12 -17.36 -1.93
CGA HEM X . 12.97 -18.51 -2.43
O1A HEM X . 12.41 -19.43 -3.11
O2A HEM X . 14.20 -18.52 -2.15
C1B HEM X . 7.76 -11.97 -1.05
C2B HEM X . 6.44 -11.42 -0.84
C3B HEM X . 6.57 -10.16 -0.45
C4B HEM X . 7.99 -9.84 -0.39
CMB HEM X . 5.11 -12.20 -1.05
CAB HEM X . 5.37 -9.23 -0.11
CBB HEM X . 5.34 -7.95 -0.52
C1C HEM X . 9.95 -8.42 -0.16
C2C HEM X . 10.67 -7.23 0.27
C3C HEM X . 11.97 -7.41 -0.02
C4C HEM X . 12.13 -8.70 -0.66
CMC HEM X . 10.03 -5.99 0.97
CAC HEM X . 13.12 -6.44 0.24
CBC HEM X . 13.18 -5.29 -0.43
C1D HEM X . 13.63 -10.49 -1.54
C2D HEM X . 14.92 -10.93 -2.08
C3D HEM X . 14.72 -12.38 -2.47
C4D HEM X . 13.34 -12.67 -2.12
CMD HEM X . 16.22 -10.11 -2.24
CAD HEM X . 15.77 -13.34 -3.09
CBD HEM X . 16.57 -13.94 -1.91
CGD HEM X . 17.34 -15.22 -2.24
O1D HEM X . 18.40 -15.11 -2.92
O2D HEM X . 16.91 -16.34 -1.81
NA HEM X . 10.43 -13.22 -1.77
NB HEM X . 8.68 -10.97 -0.78
NC HEM X . 10.88 -9.29 -0.71
ND HEM X . 12.74 -11.55 -1.58
FE HEM X . 10.61 -11.31 -1.23
I IOD Y . -15.84 0.16 23.90
CHA HEM Z . -15.07 6.49 23.06
CHB HEM Z . -14.52 4.74 18.58
CHC HEM Z . -11.69 1.18 20.28
CHD HEM Z . -12.75 2.54 24.79
C1A HEM Z . -15.16 6.33 21.70
C2A HEM Z . -15.88 7.22 20.80
C3A HEM Z . -15.71 6.73 19.55
C4A HEM Z . -14.90 5.53 19.63
CMA HEM Z . -16.31 7.33 18.25
CAA HEM Z . -16.65 8.48 21.22
CBA HEM Z . -15.67 9.64 21.32
CGA HEM Z . -16.38 10.90 21.78
O1A HEM Z . -17.46 11.25 21.22
O2A HEM Z . -15.83 11.55 22.71
C1B HEM Z . -13.70 3.63 18.63
C2B HEM Z . -13.27 2.83 17.50
C3B HEM Z . -12.47 1.84 17.97
C4B HEM Z . -12.39 1.99 19.41
CMB HEM Z . -13.68 3.13 16.04
CAB HEM Z . -11.77 0.74 17.15
CBB HEM Z . -12.28 -0.49 17.11
C1C HEM Z . -11.68 1.27 21.65
C2C HEM Z . -10.84 0.51 22.55
C3C HEM Z . -11.14 0.88 23.81
C4C HEM Z . -12.17 1.90 23.74
CMC HEM Z . -9.78 -0.54 22.13
CAC HEM Z . -10.47 0.32 25.08
CBC HEM Z . -10.79 -0.90 25.51
C1D HEM Z . -13.45 3.73 24.78
C2D HEM Z . -13.91 4.48 25.94
C3D HEM Z . -14.64 5.69 25.38
C4D HEM Z . -14.55 5.58 23.95
CMD HEM Z . -13.71 4.14 27.43
CAD HEM Z . -15.27 6.83 26.20
CBD HEM Z . -13.98 7.60 26.52
CGD HEM Z . -14.00 8.83 27.39
O1D HEM Z . -14.34 8.71 28.60
O2D HEM Z . -13.62 9.92 26.85
NA HEM Z . -14.58 5.31 20.96
NB HEM Z . -13.16 3.07 19.78
NC HEM Z . -12.47 2.11 22.40
ND HEM Z . -13.86 4.42 23.63
FE HEM Z . -13.42 3.73 21.65
I IOD AA . -8.81 -18.39 21.70
CHA HEM BA . -11.50 -14.40 25.76
CHB HEM BA . -12.24 -12.56 21.38
CHC HEM BA . -7.59 -13.28 20.26
CHD HEM BA . -6.99 -15.74 24.41
C1A HEM BA . -12.11 -13.80 24.69
C2A HEM BA . -13.49 -13.34 24.66
C3A HEM BA . -13.71 -12.82 23.42
C4A HEM BA . -12.46 -12.95 22.68
CMA HEM BA . -15.03 -12.21 22.89
CAA HEM BA . -14.50 -13.44 25.84
CBA HEM BA . -14.29 -12.39 26.94
CGA HEM BA . -15.26 -12.51 28.12
O1A HEM BA . -16.50 -12.41 27.91
O2A HEM BA . -14.80 -12.66 29.29
C1B HEM BA . -11.05 -12.61 20.69
C2B HEM BA . -10.87 -12.19 19.32
C3B HEM BA . -9.58 -12.37 18.99
C4B HEM BA . -8.91 -12.93 20.15
CMB HEM BA . -12.01 -11.61 18.45
CAB HEM BA . -8.90 -12.05 17.62
CBB HEM BA . -8.29 -12.99 16.88
C1C HEM BA . -7.03 -14.00 21.28
C2C HEM BA . -5.63 -14.40 21.36
C3C HEM BA . -5.46 -15.09 22.50
C4C HEM BA . -6.74 -15.13 23.20
CMC HEM BA . -4.57 -14.08 20.29
CAC HEM BA . -4.16 -15.71 23.05
CBC HEM BA . -3.39 -16.52 22.34
C1D HEM BA . -8.15 -15.64 25.16
C2D HEM BA . -8.41 -16.30 26.44
C3D HEM BA . -9.81 -15.88 26.83
C4D HEM BA . -10.28 -15.01 25.78
CMD HEM BA . -7.48 -17.23 27.24
CAD HEM BA . -10.56 -16.30 28.11
CBD HEM BA . -9.98 -15.38 29.19
CGD HEM BA . -10.72 -15.48 30.50
O1D HEM BA . -10.62 -16.57 31.16
O2D HEM BA . -11.37 -14.45 30.85
NA HEM BA . -11.52 -13.54 23.48
NB HEM BA . -9.84 -13.05 21.16
NC HEM BA . -7.68 -14.45 22.42
ND HEM BA . -9.28 -14.88 24.80
FE HEM BA . -9.63 -13.90 22.89
#